data_3VS7
#
_entry.id   3VS7
#
_cell.length_a   72.800
_cell.length_b   96.020
_cell.length_c   182.920
_cell.angle_alpha   90.00
_cell.angle_beta   90.00
_cell.angle_gamma   90.00
#
_symmetry.space_group_name_H-M   'P 21 21 21'
#
loop_
_entity.id
_entity.type
_entity.pdbx_description
1 polymer 'Tyrosine-protein kinase HCK'
2 non-polymer 1-cyclopentyl-3-(1H-pyrrolo[2,3-b]pyridin-5-yl)-1H-pyrazolo[3,4-d]pyrimidin-4-amine
3 non-polymer 'CALCIUM ION'
4 non-polymer 'CHLORIDE ION'
5 water water
#
_entity_poly.entity_id   1
_entity_poly.type   'polypeptide(L)'
_entity_poly.pdbx_seq_one_letter_code
;GAMGSGIRIIVVALYDYEAIHHEDLSFQKGDQMVVLEESGEWWKARSLATRKEGYIPSNYVARVDSLETEEWFFKGISRK
DAERQLLAPGNMLGSFMIRDSETTKGSYSLSVRDYDPRQGDTVKHYKIRTLDNGGFYISPRSTFSTLQELVDHYKKGNDG
LCQKLSVPCMSSKPQKPWEKDAWEIPRESLKLEKKLGAGQFGEVWMATYNKHTKVAVKTMKPGSMSVEAFLAEANVMKTL
QHDKLVKLHAVVTKEPIYIITEFMAKGSLLDFLKSDEGSKQPLPKLIDFSAQIAEGMAFIEQRNYIHRDLRAANILVSAS
LVCKIADFGLARVIEDNEYTAREGAKFPIKWTAPEAINFGSFTIKSDVWSFGILLMEIVTYGRIPYPGMSNPEVIRALER
GYRMPRPENCPEELYNIMMRCWKNRPEERPTFEYIQSVLDDFYTATESQ(PTR)EEIP
;
_entity_poly.pdbx_strand_id   A,B
#
loop_
_chem_comp.id
_chem_comp.type
_chem_comp.name
_chem_comp.formula
CA non-polymer 'CALCIUM ION' 'Ca 2'
CL non-polymer 'CHLORIDE ION' 'Cl -1'
KS1 non-polymer 1-cyclopentyl-3-(1H-pyrrolo[2,3-b]pyridin-5-yl)-1H-pyrazolo[3,4-d]pyrimidin-4-amine 'C17 H17 N7'
#
# COMPACT_ATOMS: atom_id res chain seq x y z
N ARG A 8 -26.92 -38.59 8.59
CA ARG A 8 -27.12 -38.23 9.99
C ARG A 8 -26.29 -37.00 10.35
N ILE A 9 -26.94 -35.84 10.43
CA ILE A 9 -26.25 -34.59 10.67
C ILE A 9 -26.82 -33.85 11.87
N ILE A 10 -26.03 -33.73 12.93
CA ILE A 10 -26.48 -33.02 14.13
C ILE A 10 -25.79 -31.68 14.31
N VAL A 11 -26.59 -30.63 14.46
CA VAL A 11 -26.07 -29.29 14.70
C VAL A 11 -26.49 -28.80 16.08
N VAL A 12 -25.97 -27.63 16.46
CA VAL A 12 -26.35 -27.03 17.73
C VAL A 12 -26.52 -25.52 17.57
N ALA A 13 -27.49 -24.97 18.28
CA ALA A 13 -27.83 -23.56 18.16
C ALA A 13 -26.85 -22.67 18.92
N LEU A 14 -26.49 -21.55 18.29
CA LEU A 14 -25.50 -20.63 18.86
C LEU A 14 -26.15 -19.44 19.55
N TYR A 15 -27.39 -19.14 19.19
CA TYR A 15 -28.12 -18.03 19.80
C TYR A 15 -29.59 -18.38 19.98
N ASP A 16 -30.26 -17.72 20.91
CA ASP A 16 -31.69 -17.91 21.11
C ASP A 16 -32.46 -17.31 19.93
N TYR A 17 -33.40 -18.08 19.39
CA TYR A 17 -34.15 -17.67 18.20
C TYR A 17 -35.66 -17.81 18.36
N GLU A 18 -36.40 -16.90 17.73
CA GLU A 18 -37.86 -16.87 17.80
C GLU A 18 -38.47 -17.05 16.42
N ALA A 19 -39.55 -17.81 16.34
CA ALA A 19 -40.24 -18.01 15.07
C ALA A 19 -41.00 -16.75 14.66
N ILE A 20 -40.82 -16.34 13.41
CA ILE A 20 -41.50 -15.17 12.88
C ILE A 20 -42.37 -15.54 11.69
N HIS A 21 -42.02 -16.65 11.04
CA HIS A 21 -42.80 -17.17 9.93
C HIS A 21 -43.69 -18.31 10.42
N HIS A 22 -44.27 -19.06 9.50
CA HIS A 22 -45.24 -20.08 9.88
C HIS A 22 -44.63 -21.48 10.03
N GLU A 23 -43.72 -21.83 9.12
CA GLU A 23 -43.12 -23.15 9.11
C GLU A 23 -41.71 -23.15 9.69
N ASP A 24 -41.42 -22.23 10.58
CA ASP A 24 -40.08 -22.14 11.17
C ASP A 24 -40.06 -22.45 12.67
N LEU A 25 -38.99 -23.10 13.11
CA LEU A 25 -38.86 -23.58 14.49
C LEU A 25 -38.37 -22.50 15.45
N SER A 26 -38.46 -22.78 16.74
CA SER A 26 -37.90 -21.91 17.78
C SER A 26 -37.00 -22.71 18.71
N PHE A 27 -35.87 -22.11 19.10
CA PHE A 27 -34.92 -22.79 19.97
C PHE A 27 -34.13 -21.83 20.86
N GLN A 28 -33.15 -22.36 21.58
CA GLN A 28 -32.31 -21.55 22.45
C GLN A 28 -30.83 -21.88 22.27
N LYS A 29 -29.98 -21.11 22.93
CA LYS A 29 -28.54 -21.29 22.86
C LYS A 29 -28.13 -22.56 23.59
N GLY A 30 -27.92 -23.64 22.83
CA GLY A 30 -27.46 -24.89 23.42
C GLY A 30 -28.25 -26.10 22.96
N ASP A 31 -29.45 -25.88 22.42
CA ASP A 31 -30.30 -26.97 21.97
C ASP A 31 -29.81 -27.55 20.64
N GLN A 32 -29.77 -28.88 20.57
CA GLN A 32 -29.26 -29.56 19.38
C GLN A 32 -30.39 -30.02 18.46
N MET A 33 -30.08 -30.14 17.17
CA MET A 33 -31.11 -30.42 16.16
C MET A 33 -30.58 -31.28 15.00
N VAL A 34 -31.43 -32.14 14.46
CA VAL A 34 -31.08 -32.96 13.30
C VAL A 34 -31.40 -32.22 12.01
N VAL A 35 -30.55 -32.38 11.00
CA VAL A 35 -30.72 -31.66 9.74
C VAL A 35 -31.32 -32.53 8.63
N LEU A 36 -32.40 -32.05 8.03
CA LEU A 36 -33.11 -32.79 6.99
C LEU A 36 -32.78 -32.32 5.57
N GLU A 37 -32.59 -31.01 5.40
CA GLU A 37 -32.42 -30.45 4.06
C GLU A 37 -31.47 -29.25 4.03
N GLU A 38 -30.63 -29.19 3.00
CA GLU A 38 -29.74 -28.06 2.79
C GLU A 38 -30.13 -27.31 1.52
N SER A 39 -30.57 -26.07 1.68
CA SER A 39 -31.05 -25.28 0.56
C SER A 39 -31.03 -23.78 0.85
N GLY A 40 -29.84 -23.21 0.93
CA GLY A 40 -29.70 -21.79 1.17
C GLY A 40 -29.43 -21.44 2.64
N GLU A 41 -30.02 -20.34 3.09
CA GLU A 41 -29.85 -19.90 4.46
C GLU A 41 -30.89 -20.52 5.40
N TRP A 42 -31.85 -21.22 4.82
CA TRP A 42 -32.88 -21.89 5.62
C TRP A 42 -32.78 -23.41 5.48
N TRP A 43 -32.63 -24.07 6.62
CA TRP A 43 -32.53 -25.53 6.64
C TRP A 43 -33.74 -26.15 7.34
N LYS A 44 -34.35 -27.13 6.69
CA LYS A 44 -35.39 -27.91 7.32
C LYS A 44 -34.73 -28.83 8.33
N ALA A 45 -35.11 -28.68 9.61
CA ALA A 45 -34.46 -29.42 10.68
C ALA A 45 -35.45 -29.91 11.74
N ARG A 46 -35.15 -31.05 12.35
CA ARG A 46 -35.97 -31.56 13.45
C ARG A 46 -35.30 -31.33 14.79
N SER A 47 -35.99 -30.63 15.68
CA SER A 47 -35.48 -30.35 17.02
C SER A 47 -35.38 -31.63 17.83
N LEU A 48 -34.62 -31.59 18.92
CA LEU A 48 -34.45 -32.76 19.77
C LEU A 48 -35.11 -32.59 21.13
N ALA A 49 -35.42 -31.34 21.48
CA ALA A 49 -36.11 -31.05 22.73
C ALA A 49 -37.61 -30.98 22.49
N THR A 50 -37.99 -30.43 21.35
CA THR A 50 -39.40 -30.29 20.99
C THR A 50 -39.80 -31.37 19.99
N ARG A 51 -38.82 -31.92 19.29
CA ARG A 51 -39.03 -32.92 18.26
C ARG A 51 -39.90 -32.43 17.10
N LYS A 52 -40.11 -31.12 17.03
CA LYS A 52 -40.88 -30.52 15.96
C LYS A 52 -39.97 -30.31 14.76
N GLU A 53 -40.54 -30.41 13.55
CA GLU A 53 -39.78 -30.18 12.34
C GLU A 53 -40.13 -28.82 11.73
N GLY A 54 -39.17 -27.90 11.75
CA GLY A 54 -39.37 -26.57 11.19
C GLY A 54 -38.17 -26.12 10.39
N TYR A 55 -38.25 -24.90 9.85
CA TYR A 55 -37.12 -24.29 9.15
C TYR A 55 -36.30 -23.43 10.11
N ILE A 56 -34.99 -23.39 9.89
CA ILE A 56 -34.10 -22.64 10.77
C ILE A 56 -33.07 -21.83 9.97
N PRO A 57 -32.61 -20.70 10.54
CA PRO A 57 -31.52 -19.94 9.92
C PRO A 57 -30.18 -20.68 10.06
N SER A 58 -29.57 -21.00 8.93
CA SER A 58 -28.35 -21.79 8.92
C SER A 58 -27.16 -21.09 9.57
N ASN A 59 -27.25 -19.78 9.73
CA ASN A 59 -26.19 -19.02 10.37
C ASN A 59 -26.44 -18.78 11.86
N TYR A 60 -27.33 -19.60 12.43
CA TYR A 60 -27.60 -19.54 13.86
C TYR A 60 -27.15 -20.84 14.52
N VAL A 61 -26.83 -21.83 13.68
CA VAL A 61 -26.39 -23.12 14.16
C VAL A 61 -25.03 -23.51 13.60
N ALA A 62 -24.42 -24.51 14.22
CA ALA A 62 -23.12 -25.01 13.77
C ALA A 62 -22.99 -26.48 14.19
N ARG A 63 -22.21 -27.25 13.43
CA ARG A 63 -22.03 -28.67 13.73
C ARG A 63 -21.35 -28.84 15.09
N VAL A 64 -21.80 -29.84 15.84
CA VAL A 64 -21.44 -29.99 17.24
C VAL A 64 -19.94 -30.15 17.49
N ASP A 65 -19.43 -29.37 18.45
CA ASP A 65 -18.01 -29.36 18.81
C ASP A 65 -17.07 -29.20 17.61
N SER A 66 -17.48 -28.43 16.62
CA SER A 66 -16.65 -28.15 15.46
C SER A 66 -16.21 -26.69 15.44
N LEU A 67 -15.41 -26.32 16.43
CA LEU A 67 -14.80 -24.99 16.52
C LEU A 67 -15.78 -23.83 16.74
N GLU A 68 -16.67 -23.59 15.77
CA GLU A 68 -17.62 -22.48 15.86
C GLU A 68 -18.54 -22.60 17.08
N THR A 69 -18.62 -23.81 17.63
CA THR A 69 -19.37 -24.06 18.85
C THR A 69 -18.78 -23.29 20.04
N GLU A 70 -17.46 -23.13 20.04
CA GLU A 70 -16.77 -22.42 21.12
C GLU A 70 -17.06 -20.92 21.05
N GLU A 71 -17.11 -20.28 22.20
CA GLU A 71 -17.45 -18.85 22.28
C GLU A 71 -16.38 -17.97 21.63
N TRP A 72 -15.13 -18.41 21.71
CA TRP A 72 -14.00 -17.59 21.26
C TRP A 72 -13.58 -17.82 19.82
N PHE A 73 -14.37 -18.58 19.06
CA PHE A 73 -14.07 -18.79 17.64
C PHE A 73 -14.98 -17.97 16.74
N PHE A 74 -14.37 -17.33 15.75
CA PHE A 74 -15.09 -16.45 14.83
C PHE A 74 -14.69 -16.74 13.39
N LYS A 75 -15.58 -17.39 12.65
CA LYS A 75 -15.30 -17.83 11.29
C LYS A 75 -15.43 -16.70 10.26
N GLY A 76 -14.53 -16.70 9.27
CA GLY A 76 -14.61 -15.77 8.15
C GLY A 76 -14.41 -14.32 8.51
N ILE A 77 -13.70 -14.07 9.60
CA ILE A 77 -13.44 -12.71 10.05
C ILE A 77 -12.01 -12.29 9.68
N SER A 78 -11.89 -11.13 9.04
CA SER A 78 -10.57 -10.62 8.63
C SER A 78 -9.85 -10.01 9.81
N ARG A 79 -8.58 -9.63 9.60
CA ARG A 79 -7.78 -9.04 10.65
C ARG A 79 -8.36 -7.68 11.05
N LYS A 80 -8.69 -6.87 10.05
CA LYS A 80 -9.28 -5.55 10.29
C LYS A 80 -10.65 -5.66 10.95
N ASP A 81 -11.43 -6.66 10.55
CA ASP A 81 -12.74 -6.91 11.14
C ASP A 81 -12.64 -7.31 12.60
N ALA A 82 -11.64 -8.14 12.92
CA ALA A 82 -11.41 -8.59 14.29
C ALA A 82 -10.97 -7.42 15.16
N GLU A 83 -10.29 -6.48 14.55
CA GLU A 83 -9.87 -5.25 15.21
C GLU A 83 -11.09 -4.37 15.50
N ARG A 84 -11.99 -4.28 14.53
CA ARG A 84 -13.21 -3.49 14.66
C ARG A 84 -14.15 -4.04 15.73
N GLN A 85 -14.21 -5.36 15.84
CA GLN A 85 -15.12 -6.02 16.78
C GLN A 85 -14.63 -5.98 18.22
N LEU A 86 -13.32 -6.12 18.39
CA LEU A 86 -12.73 -6.17 19.73
C LEU A 86 -12.66 -4.81 20.43
N LEU A 87 -12.92 -3.75 19.67
CA LEU A 87 -12.91 -2.40 20.24
C LEU A 87 -14.33 -1.86 20.38
N ALA A 88 -15.30 -2.65 19.92
CA ALA A 88 -16.72 -2.32 20.07
C ALA A 88 -17.08 -2.34 21.55
N PRO A 89 -18.15 -1.62 21.93
CA PRO A 89 -18.56 -1.59 23.34
C PRO A 89 -18.86 -2.98 23.90
N GLY A 90 -18.41 -3.23 25.13
CA GLY A 90 -18.61 -4.51 25.77
C GLY A 90 -17.33 -5.28 25.93
N ASN A 91 -16.26 -4.76 25.33
CA ASN A 91 -14.95 -5.42 25.39
C ASN A 91 -13.94 -4.61 26.18
N MET A 92 -13.18 -5.29 27.02
CA MET A 92 -12.18 -4.64 27.87
C MET A 92 -10.78 -5.13 27.52
N LEU A 93 -9.83 -4.85 28.40
CA LEU A 93 -8.47 -5.36 28.25
C LEU A 93 -8.50 -6.88 28.28
N GLY A 94 -7.71 -7.49 27.39
CA GLY A 94 -7.60 -8.94 27.36
C GLY A 94 -8.71 -9.63 26.57
N SER A 95 -9.71 -8.87 26.15
CA SER A 95 -10.80 -9.41 25.33
C SER A 95 -10.23 -9.98 24.04
N PHE A 96 -10.41 -11.28 23.84
CA PHE A 96 -9.72 -11.99 22.77
C PHE A 96 -10.65 -12.77 21.83
N MET A 97 -10.06 -13.31 20.77
CA MET A 97 -10.77 -14.16 19.84
C MET A 97 -9.80 -14.97 18.98
N ILE A 98 -10.27 -16.10 18.46
CA ILE A 98 -9.47 -16.90 17.53
C ILE A 98 -10.20 -17.02 16.21
N ARG A 99 -9.49 -16.72 15.11
CA ARG A 99 -10.12 -16.64 13.80
C ARG A 99 -9.29 -17.37 12.75
N ASP A 100 -9.90 -17.62 11.60
CA ASP A 100 -9.19 -18.22 10.48
C ASP A 100 -8.22 -17.18 9.93
N SER A 101 -6.99 -17.62 9.66
CA SER A 101 -5.96 -16.72 9.16
C SER A 101 -6.35 -16.17 7.79
N GLU A 102 -6.09 -14.89 7.59
CA GLU A 102 -6.45 -14.21 6.35
C GLU A 102 -5.34 -14.33 5.31
N THR A 103 -4.11 -14.49 5.78
CA THR A 103 -2.96 -14.61 4.88
C THR A 103 -2.36 -16.01 4.90
N THR A 104 -2.90 -16.87 5.76
CA THR A 104 -2.48 -18.26 5.82
C THR A 104 -3.70 -19.18 5.78
N LYS A 105 -4.22 -19.42 4.58
CA LYS A 105 -5.42 -20.24 4.40
C LYS A 105 -5.21 -21.64 4.96
N GLY A 106 -6.08 -22.03 5.88
CA GLY A 106 -5.95 -23.32 6.54
C GLY A 106 -5.20 -23.20 7.85
N SER A 107 -5.08 -21.97 8.34
CA SER A 107 -4.44 -21.72 9.63
C SER A 107 -5.20 -20.68 10.43
N TYR A 108 -4.74 -20.43 11.66
CA TYR A 108 -5.48 -19.57 12.59
C TYR A 108 -4.65 -18.41 13.11
N SER A 109 -5.33 -17.47 13.76
CA SER A 109 -4.68 -16.30 14.35
C SER A 109 -5.42 -15.86 15.60
N LEU A 110 -4.67 -15.37 16.58
CA LEU A 110 -5.24 -14.90 17.85
C LEU A 110 -5.19 -13.39 17.94
N SER A 111 -6.31 -12.78 18.30
CA SER A 111 -6.39 -11.32 18.42
C SER A 111 -6.76 -10.92 19.85
N VAL A 112 -5.90 -10.13 20.48
CA VAL A 112 -6.09 -9.72 21.87
C VAL A 112 -6.19 -8.20 21.97
N ARG A 113 -7.00 -7.71 22.89
CA ARG A 113 -7.08 -6.26 23.13
C ARG A 113 -6.09 -5.84 24.22
N ASP A 114 -5.28 -4.83 23.92
CA ASP A 114 -4.23 -4.38 24.82
C ASP A 114 -4.27 -2.86 24.94
N TYR A 115 -3.52 -2.33 25.91
CA TYR A 115 -3.37 -0.88 26.05
C TYR A 115 -1.93 -0.52 26.39
N ASP A 116 -1.27 0.17 25.46
CA ASP A 116 -0.02 0.84 25.78
C ASP A 116 -0.28 2.35 25.77
N PRO A 117 0.29 3.08 26.75
CA PRO A 117 -0.07 4.47 27.02
C PRO A 117 0.25 5.43 25.86
N ARG A 118 1.16 5.04 24.98
CA ARG A 118 1.66 5.94 23.95
C ARG A 118 0.89 5.84 22.63
N GLN A 119 -0.28 5.20 22.68
CA GLN A 119 -1.10 5.04 21.48
C GLN A 119 -2.58 4.91 21.83
N GLY A 120 -2.85 4.38 23.04
CA GLY A 120 -4.21 4.17 23.48
C GLY A 120 -4.59 2.71 23.40
N ASP A 121 -5.89 2.43 23.28
CA ASP A 121 -6.36 1.06 23.13
C ASP A 121 -5.95 0.48 21.78
N THR A 122 -5.44 -0.73 21.80
CA THR A 122 -4.98 -1.39 20.58
C THR A 122 -5.42 -2.85 20.51
N VAL A 123 -5.27 -3.44 19.34
CA VAL A 123 -5.56 -4.86 19.14
C VAL A 123 -4.38 -5.53 18.46
N LYS A 124 -3.73 -6.45 19.18
CA LYS A 124 -2.57 -7.16 18.64
C LYS A 124 -2.93 -8.56 18.13
N HIS A 125 -2.23 -8.99 17.08
CA HIS A 125 -2.56 -10.25 16.42
C HIS A 125 -1.38 -11.19 16.39
N TYR A 126 -1.56 -12.40 16.90
CA TYR A 126 -0.50 -13.40 16.89
C TYR A 126 -0.87 -14.53 15.94
N LYS A 127 0.09 -14.96 15.14
CA LYS A 127 -0.12 -16.08 14.23
C LYS A 127 -0.22 -17.37 15.03
N ILE A 128 -0.81 -18.40 14.42
CA ILE A 128 -0.92 -19.70 15.06
C ILE A 128 -0.42 -20.80 14.14
N ARG A 129 0.66 -21.46 14.55
CA ARG A 129 1.29 -22.49 13.74
C ARG A 129 0.76 -23.88 14.08
N THR A 130 0.69 -24.76 13.09
CA THR A 130 0.04 -26.06 13.27
C THR A 130 0.56 -27.16 12.34
N LEU A 131 1.34 -28.09 12.90
CA LEU A 131 1.82 -29.27 12.16
C LEU A 131 2.42 -30.33 13.09
N ASP A 132 3.03 -31.34 12.46
CA ASP A 132 3.77 -32.47 13.07
C ASP A 132 3.18 -33.91 12.99
N ASN A 133 1.96 -34.15 13.48
CA ASN A 133 1.09 -33.17 14.09
C ASN A 133 0.85 -33.45 15.59
N GLY A 134 1.45 -32.62 16.43
CA GLY A 134 1.30 -32.76 17.87
C GLY A 134 0.37 -31.72 18.46
N GLY A 135 -0.05 -30.76 17.64
CA GLY A 135 -0.98 -29.73 18.07
C GLY A 135 -0.68 -28.34 17.56
N PHE A 136 -0.93 -27.34 18.41
CA PHE A 136 -0.76 -25.94 18.04
C PHE A 136 0.23 -25.23 18.95
N TYR A 137 0.85 -24.16 18.44
CA TYR A 137 1.74 -23.33 19.24
C TYR A 137 1.81 -21.90 18.75
N ILE A 138 2.09 -20.97 19.67
CA ILE A 138 2.37 -19.59 19.32
C ILE A 138 3.86 -19.33 19.55
N SER A 139 4.38 -19.86 20.65
CA SER A 139 5.81 -19.86 20.93
C SER A 139 6.31 -21.31 20.99
N PRO A 140 7.34 -21.63 20.19
CA PRO A 140 7.89 -22.98 20.05
C PRO A 140 8.28 -23.64 21.39
N ARG A 141 8.41 -22.85 22.44
CA ARG A 141 8.73 -23.37 23.76
C ARG A 141 7.51 -24.03 24.42
N SER A 142 6.34 -23.39 24.28
CA SER A 142 5.10 -23.90 24.85
C SER A 142 4.16 -24.44 23.78
N THR A 143 4.01 -25.76 23.75
CA THR A 143 3.16 -26.41 22.75
C THR A 143 1.88 -26.97 23.38
N PHE A 144 0.80 -27.04 22.58
CA PHE A 144 -0.50 -27.49 23.08
C PHE A 144 -1.17 -28.47 22.13
N SER A 145 -2.01 -29.35 22.68
CA SER A 145 -2.69 -30.37 21.88
C SER A 145 -3.88 -29.80 21.13
N THR A 146 -4.81 -29.20 21.87
CA THR A 146 -6.00 -28.58 21.27
C THR A 146 -5.95 -27.07 21.47
N LEU A 147 -6.81 -26.37 20.75
CA LEU A 147 -6.84 -24.91 20.85
C LEU A 147 -7.48 -24.46 22.16
N GLN A 148 -8.27 -25.35 22.76
CA GLN A 148 -8.92 -25.05 24.03
C GLN A 148 -7.92 -24.93 25.17
N GLU A 149 -7.05 -25.92 25.29
CA GLU A 149 -6.03 -25.94 26.34
C GLU A 149 -5.02 -24.82 26.13
N LEU A 150 -4.78 -24.49 24.85
CA LEU A 150 -3.90 -23.39 24.48
C LEU A 150 -4.47 -22.08 25.01
N VAL A 151 -5.76 -21.87 24.78
CA VAL A 151 -6.45 -20.69 25.30
C VAL A 151 -6.37 -20.63 26.82
N ASP A 152 -6.63 -21.76 27.46
CA ASP A 152 -6.65 -21.83 28.93
C ASP A 152 -5.30 -21.51 29.58
N HIS A 153 -4.20 -21.73 28.85
CA HIS A 153 -2.89 -21.40 29.37
C HIS A 153 -2.66 -19.90 29.38
N TYR A 154 -2.75 -19.28 28.20
CA TYR A 154 -2.57 -17.84 28.07
C TYR A 154 -3.66 -17.03 28.78
N LYS A 155 -4.74 -17.72 29.15
CA LYS A 155 -5.80 -17.11 29.94
C LYS A 155 -5.32 -16.96 31.38
N LYS A 156 -4.39 -17.83 31.77
CA LYS A 156 -3.83 -17.81 33.11
C LYS A 156 -2.40 -17.26 33.08
N GLY A 157 -2.28 -15.94 32.92
CA GLY A 157 -0.98 -15.29 32.86
C GLY A 157 -0.48 -15.13 31.44
N ASN A 158 -0.05 -13.91 31.10
CA ASN A 158 0.46 -13.63 29.76
C ASN A 158 1.87 -14.18 29.53
N ASP A 159 1.94 -15.42 29.05
CA ASP A 159 3.21 -16.08 28.76
C ASP A 159 3.82 -15.51 27.48
N GLY A 160 4.41 -14.33 27.59
CA GLY A 160 5.09 -13.71 26.47
C GLY A 160 4.19 -12.86 25.57
N LEU A 161 3.06 -12.42 26.13
CA LEU A 161 2.15 -11.57 25.37
C LEU A 161 2.05 -10.18 26.02
N CYS A 162 1.56 -9.21 25.25
CA CYS A 162 1.43 -7.85 25.74
C CYS A 162 0.23 -7.72 26.69
N GLN A 163 -0.50 -8.82 26.86
CA GLN A 163 -1.69 -8.86 27.70
C GLN A 163 -2.14 -10.31 27.89
N LYS A 164 -2.70 -10.62 29.05
CA LYS A 164 -3.26 -11.95 29.28
C LYS A 164 -4.71 -12.01 28.79
N LEU A 165 -5.19 -13.22 28.53
CA LEU A 165 -6.53 -13.40 28.00
C LEU A 165 -7.61 -13.31 29.08
N SER A 166 -8.63 -12.50 28.83
CA SER A 166 -9.77 -12.40 29.73
C SER A 166 -10.99 -13.12 29.16
N VAL A 167 -11.86 -12.36 28.50
CA VAL A 167 -13.09 -12.92 27.94
C VAL A 167 -13.11 -12.89 26.42
N PRO A 168 -13.76 -13.88 25.80
CA PRO A 168 -13.96 -13.87 24.34
C PRO A 168 -14.74 -12.64 23.90
N CYS A 169 -14.69 -12.33 22.61
CA CYS A 169 -15.27 -11.09 22.09
C CYS A 169 -16.79 -11.07 22.24
N MET A 170 -17.32 -9.89 22.55
CA MET A 170 -18.76 -9.71 22.69
C MET A 170 -19.45 -9.88 21.34
N SER A 171 -19.70 -11.12 20.97
CA SER A 171 -20.36 -11.44 19.71
C SER A 171 -21.84 -11.03 19.72
N SER A 172 -22.29 -10.46 18.61
CA SER A 172 -23.68 -10.07 18.47
C SER A 172 -24.47 -11.14 17.73
N LYS A 173 -25.77 -11.23 18.01
CA LYS A 173 -26.66 -12.13 17.28
C LYS A 173 -26.80 -11.64 15.85
N PRO A 174 -26.56 -12.53 14.88
CA PRO A 174 -26.56 -12.16 13.46
C PRO A 174 -27.91 -11.63 13.02
N GLN A 175 -27.91 -10.80 11.99
CA GLN A 175 -29.15 -10.35 11.38
C GLN A 175 -29.85 -11.56 10.78
N LYS A 176 -31.13 -11.74 11.10
CA LYS A 176 -31.90 -12.85 10.57
C LYS A 176 -31.93 -12.80 9.05
N PRO A 177 -31.86 -13.97 8.40
CA PRO A 177 -31.87 -14.01 6.93
C PRO A 177 -33.27 -13.77 6.38
N TRP A 178 -33.35 -13.37 5.13
CA TRP A 178 -34.64 -13.06 4.49
C TRP A 178 -35.50 -14.31 4.37
N GLU A 179 -36.81 -14.11 4.29
CA GLU A 179 -37.75 -15.22 4.17
C GLU A 179 -37.50 -16.04 2.90
N LYS A 180 -37.65 -17.34 3.02
CA LYS A 180 -37.44 -18.25 1.89
C LYS A 180 -38.48 -18.02 0.79
N ASP A 181 -38.05 -18.17 -0.46
CA ASP A 181 -38.92 -18.02 -1.63
C ASP A 181 -39.53 -16.63 -1.78
N ALA A 182 -39.12 -15.68 -0.93
CA ALA A 182 -39.76 -14.37 -0.87
C ALA A 182 -39.02 -13.27 -1.64
N TRP A 183 -38.58 -13.57 -2.85
CA TRP A 183 -37.96 -12.56 -3.70
C TRP A 183 -39.02 -11.55 -4.12
N GLU A 184 -39.85 -11.92 -5.09
CA GLU A 184 -41.02 -11.12 -5.43
C GLU A 184 -42.12 -11.44 -4.43
N ILE A 185 -42.70 -10.40 -3.84
CA ILE A 185 -43.69 -10.58 -2.79
C ILE A 185 -44.97 -9.80 -3.06
N PRO A 186 -46.09 -10.25 -2.47
CA PRO A 186 -47.32 -9.47 -2.55
C PRO A 186 -47.17 -8.15 -1.79
N ARG A 187 -47.62 -7.06 -2.39
CA ARG A 187 -47.54 -5.74 -1.77
C ARG A 187 -48.28 -5.72 -0.43
N GLU A 188 -49.34 -6.51 -0.34
CA GLU A 188 -50.19 -6.57 0.84
C GLU A 188 -49.43 -6.96 2.12
N SER A 189 -48.22 -7.47 1.95
CA SER A 189 -47.38 -7.87 3.08
C SER A 189 -46.70 -6.68 3.75
N LEU A 190 -46.92 -5.49 3.20
CA LEU A 190 -46.20 -4.30 3.66
C LEU A 190 -47.09 -3.29 4.41
N LYS A 191 -46.51 -2.68 5.44
CA LYS A 191 -47.17 -1.59 6.16
C LYS A 191 -46.19 -0.43 6.30
N LEU A 192 -46.12 0.42 5.27
CA LEU A 192 -45.19 1.54 5.26
C LEU A 192 -45.63 2.59 6.29
N GLU A 193 -45.03 2.53 7.47
CA GLU A 193 -45.54 3.29 8.61
C GLU A 193 -44.83 4.60 8.94
N LYS A 194 -43.92 5.04 8.07
CA LYS A 194 -43.24 6.32 8.25
C LYS A 194 -42.45 6.73 7.02
N LYS A 195 -42.71 7.91 6.48
CA LYS A 195 -41.93 8.42 5.36
C LYS A 195 -40.58 8.95 5.83
N LEU A 196 -39.51 8.48 5.22
CA LEU A 196 -38.17 8.89 5.63
C LEU A 196 -37.58 9.95 4.70
N GLY A 197 -37.85 9.82 3.41
CA GLY A 197 -37.30 10.76 2.44
C GLY A 197 -38.03 10.75 1.11
N ALA A 198 -38.08 11.91 0.47
CA ALA A 198 -38.76 12.04 -0.82
C ALA A 198 -37.90 12.85 -1.79
N GLY A 199 -37.95 12.49 -3.06
CA GLY A 199 -37.13 13.17 -4.04
C GLY A 199 -37.30 12.73 -5.49
N GLN A 200 -37.87 13.62 -6.29
CA GLN A 200 -37.97 13.45 -7.74
C GLN A 200 -38.52 12.10 -8.23
N PHE A 201 -37.72 11.05 -8.07
CA PHE A 201 -38.03 9.76 -8.66
C PHE A 201 -38.80 8.82 -7.73
N GLY A 202 -38.89 9.15 -6.45
CA GLY A 202 -39.63 8.33 -5.52
C GLY A 202 -39.43 8.66 -4.04
N GLU A 203 -40.01 7.82 -3.18
CA GLU A 203 -39.95 8.03 -1.74
C GLU A 203 -39.28 6.86 -1.02
N VAL A 204 -38.96 7.06 0.25
CA VAL A 204 -38.35 6.02 1.08
C VAL A 204 -39.04 5.95 2.44
N TRP A 205 -39.53 4.76 2.78
CA TRP A 205 -40.33 4.55 3.98
C TRP A 205 -39.74 3.51 4.93
N MET A 206 -39.93 3.73 6.23
CA MET A 206 -39.67 2.70 7.22
C MET A 206 -40.91 1.82 7.30
N ALA A 207 -40.76 0.54 6.98
CA ALA A 207 -41.91 -0.33 6.88
C ALA A 207 -41.78 -1.61 7.72
N THR A 208 -42.83 -2.42 7.67
CA THR A 208 -42.87 -3.69 8.39
C THR A 208 -43.33 -4.80 7.45
N TYR A 209 -42.57 -5.88 7.41
CA TYR A 209 -42.92 -7.05 6.59
C TYR A 209 -43.53 -8.16 7.45
N ASN A 210 -44.86 -8.25 7.44
CA ASN A 210 -45.61 -9.24 8.22
C ASN A 210 -45.40 -9.14 9.73
N LYS A 211 -46.08 -8.18 10.35
CA LYS A 211 -46.08 -7.98 11.81
C LYS A 211 -44.70 -7.74 12.42
N HIS A 212 -43.78 -8.68 12.22
CA HIS A 212 -42.41 -8.51 12.71
C HIS A 212 -41.48 -8.06 11.59
N THR A 213 -40.18 -8.05 11.87
CA THR A 213 -39.14 -7.67 10.91
C THR A 213 -39.30 -6.26 10.32
N LYS A 214 -38.50 -5.33 10.83
CA LYS A 214 -38.45 -3.97 10.28
C LYS A 214 -37.79 -4.01 8.92
N VAL A 215 -38.07 -3.03 8.08
CA VAL A 215 -37.56 -3.03 6.72
C VAL A 215 -37.66 -1.63 6.11
N ALA A 216 -36.85 -1.36 5.09
CA ALA A 216 -36.89 -0.07 4.41
C ALA A 216 -37.38 -0.24 2.97
N VAL A 217 -38.38 0.56 2.58
CA VAL A 217 -38.96 0.45 1.26
C VAL A 217 -38.77 1.72 0.43
N LYS A 218 -38.32 1.53 -0.81
CA LYS A 218 -38.21 2.64 -1.75
C LYS A 218 -39.28 2.53 -2.82
N THR A 219 -40.26 3.42 -2.78
CA THR A 219 -41.35 3.43 -3.74
C THR A 219 -40.98 4.29 -4.94
N MET A 220 -41.32 3.82 -6.13
CA MET A 220 -40.91 4.49 -7.37
C MET A 220 -42.07 4.97 -8.22
N LYS A 221 -42.20 6.30 -8.35
CA LYS A 221 -43.17 6.87 -9.28
C LYS A 221 -42.67 6.62 -10.70
N PRO A 222 -43.44 5.86 -11.49
CA PRO A 222 -43.01 5.35 -12.80
C PRO A 222 -42.90 6.44 -13.87
N GLY A 223 -42.68 6.02 -15.11
CA GLY A 223 -42.54 6.96 -16.21
C GLY A 223 -41.26 6.73 -16.99
N SER A 224 -40.23 7.51 -16.66
CA SER A 224 -38.93 7.39 -17.31
C SER A 224 -38.34 6.01 -17.10
N MET A 225 -38.51 5.48 -15.88
CA MET A 225 -38.12 4.11 -15.59
C MET A 225 -39.22 3.17 -16.07
N SER A 226 -38.84 2.19 -16.88
CA SER A 226 -39.80 1.30 -17.51
C SER A 226 -40.42 0.31 -16.53
N VAL A 227 -40.89 -0.82 -17.07
CA VAL A 227 -41.56 -1.84 -16.26
C VAL A 227 -40.71 -3.10 -16.09
N GLU A 228 -40.61 -3.90 -17.15
CA GLU A 228 -39.84 -5.14 -17.12
C GLU A 228 -38.35 -4.87 -17.23
N ALA A 229 -37.99 -3.58 -17.32
CA ALA A 229 -36.60 -3.17 -17.35
C ALA A 229 -36.08 -2.95 -15.94
N PHE A 230 -36.85 -3.41 -14.96
CA PHE A 230 -36.49 -3.25 -13.56
C PHE A 230 -36.20 -4.58 -12.88
N LEU A 231 -36.86 -5.64 -13.33
CA LEU A 231 -36.55 -6.98 -12.84
C LEU A 231 -35.16 -7.37 -13.33
N ALA A 232 -34.67 -6.65 -14.33
CA ALA A 232 -33.32 -6.81 -14.83
C ALA A 232 -32.31 -6.35 -13.78
N GLU A 233 -32.32 -5.05 -13.49
CA GLU A 233 -31.41 -4.46 -12.51
C GLU A 233 -31.58 -5.06 -11.11
N ALA A 234 -32.79 -5.54 -10.83
CA ALA A 234 -33.06 -6.20 -9.55
C ALA A 234 -32.32 -7.52 -9.45
N ASN A 235 -32.53 -8.39 -10.45
CA ASN A 235 -31.89 -9.69 -10.48
C ASN A 235 -30.37 -9.61 -10.64
N VAL A 236 -29.90 -8.47 -11.12
CA VAL A 236 -28.46 -8.21 -11.25
C VAL A 236 -27.85 -7.80 -9.92
N MET A 237 -28.46 -6.82 -9.26
CA MET A 237 -27.96 -6.31 -7.98
C MET A 237 -28.22 -7.28 -6.84
N LYS A 238 -29.08 -8.27 -7.07
CA LYS A 238 -29.33 -9.31 -6.08
C LYS A 238 -28.18 -10.31 -6.08
N THR A 239 -27.42 -10.33 -7.18
CA THR A 239 -26.29 -11.23 -7.31
C THR A 239 -25.00 -10.61 -6.79
N LEU A 240 -25.08 -9.36 -6.33
CA LEU A 240 -23.91 -8.66 -5.83
C LEU A 240 -23.99 -8.45 -4.31
N GLN A 241 -24.17 -9.54 -3.59
CA GLN A 241 -24.26 -9.50 -2.13
C GLN A 241 -22.91 -9.08 -1.54
N HIS A 242 -22.94 -8.19 -0.56
CA HIS A 242 -21.73 -7.76 0.13
C HIS A 242 -22.06 -7.12 1.47
N ASP A 243 -21.16 -7.26 2.43
CA ASP A 243 -21.39 -6.74 3.78
C ASP A 243 -21.21 -5.22 3.86
N LYS A 244 -20.70 -4.63 2.78
CA LYS A 244 -20.53 -3.18 2.73
C LYS A 244 -21.46 -2.55 1.70
N LEU A 245 -22.36 -3.37 1.15
CA LEU A 245 -23.44 -2.87 0.32
C LEU A 245 -24.77 -3.14 1.01
N VAL A 246 -25.73 -2.25 0.82
CA VAL A 246 -27.04 -2.42 1.45
C VAL A 246 -27.77 -3.61 0.81
N LYS A 247 -28.32 -4.48 1.67
CA LYS A 247 -28.91 -5.73 1.20
C LYS A 247 -30.27 -5.56 0.53
N LEU A 248 -30.37 -6.00 -0.71
CA LEU A 248 -31.63 -5.97 -1.45
C LEU A 248 -32.46 -7.23 -1.16
N HIS A 249 -33.51 -7.07 -0.37
CA HIS A 249 -34.33 -8.20 0.07
C HIS A 249 -35.39 -8.61 -0.95
N ALA A 250 -36.48 -7.84 -1.00
CA ALA A 250 -37.62 -8.19 -1.83
C ALA A 250 -38.01 -7.07 -2.81
N VAL A 251 -38.80 -7.43 -3.81
CA VAL A 251 -39.29 -6.49 -4.80
C VAL A 251 -40.74 -6.78 -5.14
N VAL A 252 -41.60 -5.76 -5.06
CA VAL A 252 -43.01 -5.93 -5.35
C VAL A 252 -43.28 -5.91 -6.86
N THR A 253 -43.97 -6.94 -7.33
CA THR A 253 -44.25 -7.11 -8.76
C THR A 253 -45.04 -5.95 -9.38
N LYS A 254 -46.29 -5.77 -8.95
CA LYS A 254 -47.18 -4.78 -9.54
C LYS A 254 -46.67 -3.34 -9.45
N GLU A 255 -47.01 -2.54 -10.45
CA GLU A 255 -46.60 -1.14 -10.53
C GLU A 255 -47.51 -0.27 -9.68
N PRO A 256 -46.96 0.77 -9.01
CA PRO A 256 -45.56 1.19 -8.97
C PRO A 256 -44.68 0.23 -8.15
N ILE A 257 -43.49 -0.03 -8.66
CA ILE A 257 -42.59 -1.01 -8.05
C ILE A 257 -42.02 -0.54 -6.71
N TYR A 258 -42.02 -1.44 -5.75
CA TYR A 258 -41.48 -1.19 -4.42
C TYR A 258 -40.18 -1.95 -4.25
N ILE A 259 -39.14 -1.28 -3.75
CA ILE A 259 -37.86 -1.93 -3.47
C ILE A 259 -37.68 -2.13 -1.96
N ILE A 260 -37.60 -3.38 -1.54
CA ILE A 260 -37.49 -3.69 -0.12
C ILE A 260 -36.06 -4.06 0.25
N THR A 261 -35.45 -3.28 1.15
CA THR A 261 -34.09 -3.54 1.59
C THR A 261 -34.01 -3.56 3.11
N GLU A 262 -32.81 -3.79 3.63
CA GLU A 262 -32.59 -3.74 5.06
C GLU A 262 -32.77 -2.32 5.57
N PHE A 263 -33.12 -2.19 6.84
CA PHE A 263 -33.31 -0.88 7.46
C PHE A 263 -32.09 -0.47 8.27
N MET A 264 -31.32 0.48 7.72
CA MET A 264 -30.16 1.03 8.43
C MET A 264 -30.65 1.97 9.54
N ALA A 265 -30.42 1.57 10.78
CA ALA A 265 -31.02 2.22 11.94
C ALA A 265 -30.68 3.70 12.14
N LYS A 266 -29.55 4.16 11.61
CA LYS A 266 -29.13 5.53 11.84
C LYS A 266 -29.09 6.40 10.57
N GLY A 267 -29.93 6.05 9.61
CA GLY A 267 -30.13 6.86 8.42
C GLY A 267 -28.93 6.96 7.51
N SER A 268 -28.76 8.12 6.89
CA SER A 268 -27.64 8.33 5.98
C SER A 268 -26.42 8.87 6.72
N LEU A 269 -25.26 8.72 6.11
CA LEU A 269 -24.00 9.14 6.72
C LEU A 269 -23.97 10.65 6.89
N LEU A 270 -24.47 11.37 5.89
CA LEU A 270 -24.51 12.83 5.92
C LEU A 270 -25.36 13.33 7.09
N ASP A 271 -26.50 12.69 7.31
CA ASP A 271 -27.38 13.05 8.42
C ASP A 271 -26.70 12.72 9.74
N PHE A 272 -25.98 11.61 9.76
CA PHE A 272 -25.31 11.14 10.96
C PHE A 272 -24.17 12.08 11.37
N LEU A 273 -23.39 12.52 10.39
CA LEU A 273 -22.27 13.41 10.66
C LEU A 273 -22.77 14.78 11.12
N LYS A 274 -23.77 15.30 10.43
CA LYS A 274 -24.36 16.59 10.78
C LYS A 274 -25.08 16.51 12.13
N SER A 275 -25.41 15.29 12.54
CA SER A 275 -26.12 15.06 13.79
C SER A 275 -25.28 15.36 15.02
N ASP A 276 -25.82 15.06 16.18
CA ASP A 276 -25.18 15.37 17.44
C ASP A 276 -24.22 14.26 17.88
N GLU A 277 -24.68 13.02 17.80
CA GLU A 277 -23.84 11.87 18.15
C GLU A 277 -22.66 11.74 17.18
N GLY A 278 -22.94 11.96 15.90
CA GLY A 278 -21.92 11.84 14.88
C GLY A 278 -21.10 13.10 14.73
N SER A 279 -20.86 13.79 15.83
CA SER A 279 -19.97 14.94 15.86
C SER A 279 -19.01 14.77 17.03
N LYS A 280 -19.36 13.86 17.93
CA LYS A 280 -18.47 13.47 19.01
C LYS A 280 -17.61 12.30 18.56
N GLN A 281 -17.74 11.97 17.27
CA GLN A 281 -16.99 10.89 16.65
C GLN A 281 -15.59 11.37 16.28
N PRO A 282 -14.56 10.78 16.90
CA PRO A 282 -13.17 11.19 16.65
C PRO A 282 -12.71 10.86 15.23
N LEU A 283 -11.51 11.34 14.88
CA LEU A 283 -10.94 11.13 13.56
C LEU A 283 -10.67 9.67 13.16
N PRO A 284 -10.16 8.83 14.09
CA PRO A 284 -9.94 7.43 13.70
C PRO A 284 -11.21 6.69 13.27
N LYS A 285 -12.35 7.06 13.86
CA LYS A 285 -13.61 6.40 13.52
C LYS A 285 -14.09 6.85 12.14
N LEU A 286 -13.81 8.10 11.79
CA LEU A 286 -14.14 8.61 10.46
C LEU A 286 -13.30 7.89 9.41
N ILE A 287 -12.03 7.66 9.74
CA ILE A 287 -11.14 6.92 8.88
C ILE A 287 -11.63 5.47 8.74
N ASP A 288 -12.16 4.94 9.82
CA ASP A 288 -12.74 3.60 9.82
C ASP A 288 -13.97 3.52 8.91
N PHE A 289 -14.76 4.59 8.91
CA PHE A 289 -15.93 4.68 8.04
C PHE A 289 -15.51 4.63 6.59
N SER A 290 -14.57 5.50 6.23
CA SER A 290 -14.11 5.62 4.86
C SER A 290 -13.37 4.36 4.40
N ALA A 291 -12.88 3.58 5.35
CA ALA A 291 -12.25 2.30 5.03
C ALA A 291 -13.32 1.26 4.69
N GLN A 292 -14.45 1.32 5.40
CA GLN A 292 -15.58 0.45 5.10
C GLN A 292 -16.19 0.78 3.74
N ILE A 293 -16.29 2.06 3.44
CA ILE A 293 -16.79 2.51 2.14
C ILE A 293 -15.82 2.10 1.03
N ALA A 294 -14.53 2.27 1.29
CA ALA A 294 -13.50 1.87 0.33
C ALA A 294 -13.55 0.37 0.07
N GLU A 295 -13.76 -0.41 1.13
CA GLU A 295 -13.91 -1.86 0.99
C GLU A 295 -15.06 -2.19 0.05
N GLY A 296 -16.17 -1.47 0.22
CA GLY A 296 -17.35 -1.66 -0.60
C GLY A 296 -17.10 -1.25 -2.04
N MET A 297 -16.46 -0.10 -2.23
CA MET A 297 -16.13 0.36 -3.58
C MET A 297 -15.07 -0.51 -4.23
N ALA A 298 -14.32 -1.25 -3.40
CA ALA A 298 -13.31 -2.16 -3.91
C ALA A 298 -13.95 -3.44 -4.44
N PHE A 299 -15.02 -3.88 -3.79
CA PHE A 299 -15.79 -5.02 -4.26
C PHE A 299 -16.50 -4.67 -5.56
N ILE A 300 -17.03 -3.45 -5.64
CA ILE A 300 -17.65 -2.95 -6.85
C ILE A 300 -16.62 -2.88 -7.97
N GLU A 301 -15.41 -2.48 -7.60
CA GLU A 301 -14.30 -2.35 -8.54
C GLU A 301 -13.85 -3.70 -9.09
N GLN A 302 -13.89 -4.73 -8.25
CA GLN A 302 -13.50 -6.07 -8.65
C GLN A 302 -14.51 -6.65 -9.64
N ARG A 303 -15.75 -6.17 -9.55
CA ARG A 303 -16.81 -6.64 -10.45
C ARG A 303 -16.96 -5.73 -11.65
N ASN A 304 -16.09 -4.73 -11.75
CA ASN A 304 -16.01 -3.82 -12.90
C ASN A 304 -17.17 -2.84 -13.07
N TYR A 305 -18.05 -2.76 -12.06
CA TYR A 305 -19.20 -1.87 -12.13
C TYR A 305 -18.87 -0.43 -11.72
N ILE A 306 -19.81 0.48 -11.98
CA ILE A 306 -19.65 1.89 -11.62
C ILE A 306 -20.83 2.33 -10.75
N HIS A 307 -20.60 3.32 -9.89
CA HIS A 307 -21.65 3.83 -9.02
C HIS A 307 -22.28 5.11 -9.56
N ARG A 308 -21.44 5.94 -10.18
CA ARG A 308 -21.86 7.18 -10.84
C ARG A 308 -22.35 8.30 -9.91
N ASP A 309 -22.67 7.96 -8.66
CA ASP A 309 -23.08 8.98 -7.69
C ASP A 309 -22.64 8.62 -6.27
N LEU A 310 -21.45 9.06 -5.90
CA LEU A 310 -20.87 8.70 -4.61
C LEU A 310 -20.75 9.91 -3.69
N ARG A 311 -21.50 9.87 -2.59
CA ARG A 311 -21.46 10.92 -1.58
C ARG A 311 -22.04 10.42 -0.27
N ALA A 312 -21.83 11.19 0.80
CA ALA A 312 -22.26 10.80 2.14
C ALA A 312 -23.77 10.62 2.26
N ALA A 313 -24.52 11.23 1.33
CA ALA A 313 -25.97 11.09 1.33
C ALA A 313 -26.38 9.69 0.83
N ASN A 314 -25.54 9.08 0.01
CA ASN A 314 -25.81 7.74 -0.51
C ASN A 314 -25.08 6.64 0.26
N ILE A 315 -24.63 6.97 1.47
CA ILE A 315 -24.02 5.99 2.37
C ILE A 315 -24.87 5.90 3.63
N LEU A 316 -25.23 4.68 4.02
CA LEU A 316 -26.12 4.49 5.16
C LEU A 316 -25.39 3.88 6.36
N VAL A 317 -25.87 4.20 7.56
CA VAL A 317 -25.23 3.75 8.80
C VAL A 317 -26.16 2.88 9.63
N SER A 318 -25.67 1.72 10.06
CA SER A 318 -26.46 0.85 10.93
C SER A 318 -26.37 1.35 12.37
N ALA A 319 -27.08 0.69 13.27
CA ALA A 319 -27.07 1.09 14.68
C ALA A 319 -25.68 0.92 15.30
N SER A 320 -24.91 -0.02 14.75
CA SER A 320 -23.59 -0.33 15.27
C SER A 320 -22.48 0.35 14.46
N LEU A 321 -22.80 1.50 13.89
CA LEU A 321 -21.83 2.33 13.15
C LEU A 321 -21.18 1.60 11.97
N VAL A 322 -21.93 0.72 11.32
CA VAL A 322 -21.46 0.06 10.11
C VAL A 322 -21.93 0.86 8.91
N CYS A 323 -21.00 1.15 8.00
CA CYS A 323 -21.34 1.88 6.79
C CYS A 323 -21.62 0.92 5.64
N LYS A 324 -22.66 1.21 4.87
CA LYS A 324 -22.95 0.45 3.66
C LYS A 324 -23.27 1.41 2.51
N ILE A 325 -23.32 0.89 1.30
CA ILE A 325 -23.59 1.70 0.13
C ILE A 325 -25.00 1.44 -0.39
N ALA A 326 -25.72 2.51 -0.73
CA ALA A 326 -27.14 2.41 -1.06
C ALA A 326 -27.41 2.17 -2.55
N ASP A 327 -28.23 3.04 -3.13
CA ASP A 327 -28.68 2.87 -4.52
C ASP A 327 -27.54 2.91 -5.54
N PHE A 328 -26.80 1.81 -5.64
CA PHE A 328 -25.70 1.70 -6.58
C PHE A 328 -26.20 1.26 -7.96
N GLY A 329 -25.65 1.87 -9.00
CA GLY A 329 -26.01 1.52 -10.36
C GLY A 329 -27.38 2.03 -10.77
N LEU A 330 -27.94 2.94 -9.99
CA LEU A 330 -29.23 3.54 -10.31
C LEU A 330 -29.10 4.71 -11.27
N ALA A 331 -27.92 4.85 -11.87
CA ALA A 331 -27.70 5.84 -12.92
C ALA A 331 -27.68 5.14 -14.27
N ARG A 332 -27.85 3.82 -14.23
CA ARG A 332 -28.10 3.03 -15.43
C ARG A 332 -29.54 2.54 -15.36
N VAL A 333 -30.33 3.24 -14.57
CA VAL A 333 -31.72 2.88 -14.32
C VAL A 333 -32.69 3.94 -14.86
N PRO A 348 -25.84 18.68 -8.37
CA PRO A 348 -25.48 17.27 -8.20
C PRO A 348 -24.14 16.94 -8.87
N ILE A 349 -23.26 17.92 -8.99
CA ILE A 349 -22.02 17.75 -9.74
C ILE A 349 -20.74 18.06 -8.96
N LYS A 350 -20.88 18.55 -7.74
CA LYS A 350 -19.71 18.87 -6.92
C LYS A 350 -18.91 17.62 -6.53
N TRP A 351 -19.50 16.46 -6.73
CA TRP A 351 -18.83 15.19 -6.46
C TRP A 351 -18.34 14.55 -7.75
N THR A 352 -18.49 15.26 -8.85
CA THR A 352 -18.21 14.70 -10.17
C THR A 352 -16.88 15.17 -10.75
N ALA A 353 -16.09 14.23 -11.26
CA ALA A 353 -14.81 14.52 -11.89
C ALA A 353 -15.02 15.24 -13.23
N PRO A 354 -14.10 16.16 -13.57
CA PRO A 354 -14.18 16.96 -14.81
C PRO A 354 -14.34 16.13 -16.08
N GLU A 355 -13.82 14.91 -16.08
CA GLU A 355 -13.95 14.03 -17.24
C GLU A 355 -15.40 13.59 -17.44
N ALA A 356 -16.15 13.53 -16.35
CA ALA A 356 -17.56 13.13 -16.41
C ALA A 356 -18.49 14.33 -16.52
N ILE A 357 -17.98 15.51 -16.15
CA ILE A 357 -18.75 16.75 -16.27
C ILE A 357 -18.72 17.25 -17.71
N ASN A 358 -17.51 17.46 -18.23
CA ASN A 358 -17.33 18.01 -19.57
C ASN A 358 -17.63 17.02 -20.69
N PHE A 359 -17.30 15.75 -20.48
CA PHE A 359 -17.40 14.76 -21.54
C PHE A 359 -18.31 13.58 -21.21
N GLY A 360 -18.79 13.52 -19.97
CA GLY A 360 -19.69 12.47 -19.55
C GLY A 360 -19.04 11.11 -19.50
N SER A 361 -17.77 11.09 -19.10
CA SER A 361 -16.99 9.85 -19.02
C SER A 361 -17.55 8.91 -17.95
N PHE A 362 -17.26 9.24 -16.70
CA PHE A 362 -17.72 8.47 -15.55
C PHE A 362 -17.27 7.02 -15.55
N THR A 363 -16.11 6.76 -14.95
CA THR A 363 -15.61 5.41 -14.77
C THR A 363 -15.33 5.15 -13.30
N ILE A 364 -14.62 4.08 -13.00
CA ILE A 364 -14.23 3.77 -11.63
C ILE A 364 -13.25 4.82 -11.10
N LYS A 365 -12.59 5.51 -12.01
CA LYS A 365 -11.64 6.55 -11.66
C LYS A 365 -12.35 7.84 -11.26
N SER A 366 -13.46 8.12 -11.92
CA SER A 366 -14.29 9.26 -11.57
C SER A 366 -14.94 9.01 -10.21
N ASP A 367 -15.17 7.74 -9.91
CA ASP A 367 -15.67 7.33 -8.60
C ASP A 367 -14.59 7.51 -7.53
N VAL A 368 -13.33 7.39 -7.94
CA VAL A 368 -12.22 7.63 -7.03
C VAL A 368 -12.18 9.11 -6.67
N TRP A 369 -12.46 9.96 -7.67
CA TRP A 369 -12.59 11.39 -7.44
C TRP A 369 -13.74 11.65 -6.47
N SER A 370 -14.87 11.02 -6.74
CA SER A 370 -16.05 11.14 -5.88
C SER A 370 -15.72 10.73 -4.45
N PHE A 371 -14.97 9.63 -4.31
CA PHE A 371 -14.55 9.14 -3.01
C PHE A 371 -13.65 10.15 -2.32
N GLY A 372 -12.95 10.95 -3.12
CA GLY A 372 -12.10 12.01 -2.59
C GLY A 372 -12.93 13.10 -1.95
N ILE A 373 -14.01 13.48 -2.63
CA ILE A 373 -14.91 14.51 -2.10
C ILE A 373 -15.70 13.95 -0.92
N LEU A 374 -16.05 12.67 -1.00
CA LEU A 374 -16.71 12.00 0.10
C LEU A 374 -15.82 12.00 1.33
N LEU A 375 -14.54 11.72 1.12
CA LEU A 375 -13.54 11.72 2.17
C LEU A 375 -13.49 13.13 2.78
N MET A 376 -13.70 14.12 1.92
CA MET A 376 -13.76 15.50 2.38
C MET A 376 -14.99 15.77 3.25
N GLU A 377 -16.12 15.15 2.89
CA GLU A 377 -17.34 15.31 3.67
C GLU A 377 -17.19 14.70 5.06
N ILE A 378 -16.70 13.47 5.10
CA ILE A 378 -16.58 12.71 6.33
C ILE A 378 -15.71 13.45 7.36
N VAL A 379 -14.57 13.97 6.91
CA VAL A 379 -13.64 14.65 7.80
C VAL A 379 -14.17 16.01 8.29
N THR A 380 -15.00 16.65 7.46
CA THR A 380 -15.55 17.96 7.80
C THR A 380 -16.91 17.86 8.46
N TYR A 381 -17.22 16.67 8.98
CA TYR A 381 -18.49 16.40 9.67
C TYR A 381 -19.73 16.76 8.84
N GLY A 382 -19.73 16.35 7.57
CA GLY A 382 -20.89 16.52 6.71
C GLY A 382 -21.00 17.86 6.01
N ARG A 383 -19.93 18.65 6.06
CA ARG A 383 -19.95 19.98 5.46
C ARG A 383 -20.09 19.91 3.94
N ILE A 384 -20.67 20.96 3.35
CA ILE A 384 -20.80 21.05 1.90
C ILE A 384 -19.43 21.26 1.27
N PRO A 385 -19.11 20.44 0.25
CA PRO A 385 -17.84 20.60 -0.47
C PRO A 385 -17.79 21.92 -1.24
N TYR A 386 -16.60 22.51 -1.33
CA TYR A 386 -16.41 23.81 -1.95
C TYR A 386 -17.39 24.84 -1.37
N PRO A 387 -17.21 25.19 -0.08
CA PRO A 387 -18.16 26.08 0.59
C PRO A 387 -18.06 27.52 0.08
N GLY A 388 -19.21 28.17 -0.08
CA GLY A 388 -19.26 29.54 -0.56
C GLY A 388 -19.24 29.65 -2.07
N MET A 389 -19.02 28.52 -2.73
CA MET A 389 -18.95 28.47 -4.19
C MET A 389 -20.20 27.85 -4.78
N SER A 390 -20.77 28.49 -5.80
CA SER A 390 -21.83 27.88 -6.58
C SER A 390 -21.19 26.90 -7.55
N ASN A 391 -22.00 26.05 -8.16
CA ASN A 391 -21.50 25.09 -9.14
C ASN A 391 -20.69 25.71 -10.30
N PRO A 392 -21.14 26.84 -10.86
CA PRO A 392 -20.28 27.50 -11.85
C PRO A 392 -18.95 27.95 -11.24
N GLU A 393 -19.00 28.56 -10.06
CA GLU A 393 -17.78 29.03 -9.38
C GLU A 393 -16.81 27.88 -9.11
N VAL A 394 -17.33 26.67 -9.04
CA VAL A 394 -16.51 25.48 -8.83
C VAL A 394 -15.88 25.00 -10.13
N ILE A 395 -16.71 24.76 -11.14
CA ILE A 395 -16.24 24.24 -12.42
C ILE A 395 -15.21 25.16 -13.09
N ARG A 396 -15.43 26.47 -13.00
CA ARG A 396 -14.49 27.43 -13.57
C ARG A 396 -13.17 27.41 -12.82
N ALA A 397 -13.23 27.13 -11.52
CA ALA A 397 -12.03 27.11 -10.69
C ALA A 397 -11.28 25.78 -10.79
N LEU A 398 -11.98 24.71 -11.13
CA LEU A 398 -11.36 23.40 -11.25
C LEU A 398 -10.40 23.33 -12.44
N GLU A 399 -10.78 23.98 -13.54
CA GLU A 399 -9.91 24.05 -14.70
C GLU A 399 -8.72 24.93 -14.38
N ARG A 400 -8.90 25.84 -13.42
CA ARG A 400 -7.84 26.72 -12.94
C ARG A 400 -6.85 25.96 -12.06
N GLY A 401 -7.05 24.65 -11.94
CA GLY A 401 -6.16 23.80 -11.17
C GLY A 401 -6.39 23.87 -9.67
N TYR A 402 -7.58 24.33 -9.28
CA TYR A 402 -7.91 24.49 -7.86
C TYR A 402 -8.38 23.20 -7.19
N ARG A 403 -7.87 22.94 -6.00
CA ARG A 403 -8.32 21.83 -5.18
C ARG A 403 -8.68 22.37 -3.79
N MET A 404 -9.58 21.67 -3.10
CA MET A 404 -10.00 22.09 -1.77
C MET A 404 -8.85 22.07 -0.78
N PRO A 405 -8.75 23.12 0.06
CA PRO A 405 -7.70 23.26 1.08
C PRO A 405 -7.81 22.17 2.15
N ARG A 406 -6.83 22.12 3.06
CA ARG A 406 -6.86 21.11 4.12
C ARG A 406 -7.44 21.66 5.42
N PRO A 407 -8.44 20.96 5.97
CA PRO A 407 -9.08 21.31 7.24
C PRO A 407 -8.08 21.30 8.40
N GLU A 408 -8.39 22.03 9.46
CA GLU A 408 -7.45 22.19 10.57
C GLU A 408 -7.30 20.93 11.43
N ASN A 409 -8.22 19.98 11.25
CA ASN A 409 -8.20 18.75 12.03
C ASN A 409 -7.88 17.53 11.18
N CYS A 410 -7.30 17.77 10.00
CA CYS A 410 -7.05 16.70 9.04
C CYS A 410 -5.57 16.42 8.89
N PRO A 411 -5.17 15.15 9.08
CA PRO A 411 -3.78 14.72 8.89
C PRO A 411 -3.31 14.97 7.46
N GLU A 412 -2.05 15.35 7.30
CA GLU A 412 -1.49 15.66 5.99
C GLU A 412 -1.47 14.44 5.10
N GLU A 413 -1.37 13.25 5.71
CA GLU A 413 -1.30 12.01 4.96
C GLU A 413 -2.67 11.61 4.40
N LEU A 414 -3.73 11.90 5.16
CA LEU A 414 -5.08 11.67 4.69
C LEU A 414 -5.43 12.67 3.59
N TYR A 415 -4.90 13.88 3.75
CA TYR A 415 -5.08 14.92 2.75
C TYR A 415 -4.39 14.52 1.45
N ASN A 416 -3.21 13.91 1.55
CA ASN A 416 -2.49 13.44 0.37
C ASN A 416 -3.27 12.36 -0.36
N ILE A 417 -4.07 11.60 0.38
CA ILE A 417 -4.91 10.57 -0.23
C ILE A 417 -6.01 11.24 -1.05
N MET A 418 -6.59 12.31 -0.50
CA MET A 418 -7.61 13.06 -1.21
C MET A 418 -7.03 13.65 -2.49
N MET A 419 -5.84 14.23 -2.38
CA MET A 419 -5.13 14.82 -3.51
C MET A 419 -4.83 13.80 -4.61
N ARG A 420 -4.45 12.58 -4.20
CA ARG A 420 -4.22 11.50 -5.15
C ARG A 420 -5.50 11.14 -5.88
N CYS A 421 -6.62 11.26 -5.18
CA CYS A 421 -7.93 10.99 -5.77
C CYS A 421 -8.33 12.10 -6.72
N TRP A 422 -7.71 13.27 -6.54
CA TRP A 422 -8.01 14.44 -7.35
C TRP A 422 -6.88 14.78 -8.33
N LYS A 423 -6.46 13.80 -9.11
CA LYS A 423 -5.49 14.03 -10.17
C LYS A 423 -6.24 14.45 -11.43
N ASN A 424 -5.62 15.30 -12.24
CA ASN A 424 -6.21 15.70 -13.52
C ASN A 424 -6.40 14.50 -14.44
N ARG A 425 -5.35 13.70 -14.62
CA ARG A 425 -5.44 12.47 -15.39
C ARG A 425 -6.22 11.40 -14.62
N PRO A 426 -7.25 10.83 -15.25
CA PRO A 426 -8.12 9.81 -14.66
C PRO A 426 -7.37 8.57 -14.20
N GLU A 427 -6.42 8.10 -15.00
CA GLU A 427 -5.75 6.83 -14.74
C GLU A 427 -4.53 6.95 -13.85
N GLU A 428 -4.17 8.19 -13.50
CA GLU A 428 -3.10 8.43 -12.53
C GLU A 428 -3.64 8.36 -11.11
N ARG A 429 -4.97 8.22 -11.00
CA ARG A 429 -5.63 8.09 -9.71
C ARG A 429 -5.47 6.67 -9.19
N PRO A 430 -5.43 6.50 -7.85
CA PRO A 430 -5.25 5.18 -7.25
C PRO A 430 -6.42 4.25 -7.52
N THR A 431 -6.37 3.06 -6.94
CA THR A 431 -7.48 2.13 -7.03
C THR A 431 -8.14 2.02 -5.66
N PHE A 432 -9.39 1.56 -5.63
CA PHE A 432 -10.10 1.39 -4.37
C PHE A 432 -9.48 0.25 -3.55
N GLU A 433 -8.75 -0.63 -4.22
CA GLU A 433 -8.03 -1.69 -3.54
C GLU A 433 -6.87 -1.11 -2.74
N TYR A 434 -6.12 -0.20 -3.37
CA TYR A 434 -5.00 0.45 -2.70
C TYR A 434 -5.49 1.43 -1.63
N ILE A 435 -6.54 2.18 -1.96
CA ILE A 435 -7.13 3.13 -1.04
C ILE A 435 -7.64 2.45 0.23
N GLN A 436 -8.33 1.33 0.06
CA GLN A 436 -8.82 0.56 1.20
C GLN A 436 -7.67 0.07 2.07
N SER A 437 -6.66 -0.50 1.41
CA SER A 437 -5.52 -1.09 2.11
C SER A 437 -4.79 -0.04 2.95
N VAL A 438 -4.52 1.12 2.36
CA VAL A 438 -3.87 2.23 3.06
C VAL A 438 -4.72 2.69 4.24
N LEU A 439 -6.01 2.86 4.00
CA LEU A 439 -6.93 3.35 5.03
C LEU A 439 -7.15 2.34 6.14
N ASP A 440 -7.14 1.05 5.80
CA ASP A 440 -7.30 -0.01 6.79
C ASP A 440 -6.16 -0.03 7.80
N ASP A 441 -4.93 0.06 7.31
CA ASP A 441 -3.76 0.08 8.20
C ASP A 441 -3.18 1.49 8.28
N PHE A 442 -4.05 2.48 8.43
CA PHE A 442 -3.65 3.89 8.45
C PHE A 442 -2.80 4.22 9.69
N TYR A 443 -3.07 3.56 10.81
CA TYR A 443 -2.36 3.83 12.05
C TYR A 443 -1.38 2.71 12.41
N THR A 444 -1.13 1.81 11.47
CA THR A 444 -0.26 0.67 11.73
C THR A 444 0.81 0.50 10.66
N ALA A 445 2.07 0.42 11.09
CA ALA A 445 3.18 0.14 10.20
C ALA A 445 3.08 -1.31 9.73
N THR A 446 3.45 -1.55 8.47
CA THR A 446 3.31 -2.86 7.84
C THR A 446 3.97 -3.96 8.67
N GLU A 447 5.09 -3.64 9.31
CA GLU A 447 5.84 -4.59 10.11
C GLU A 447 5.15 -4.87 11.44
N SER A 448 4.19 -4.02 11.81
CA SER A 448 3.57 -4.11 13.13
C SER A 448 2.25 -4.88 13.14
N GLN A 449 1.83 -5.36 11.97
CA GLN A 449 0.55 -6.05 11.84
C GLN A 449 0.41 -7.27 12.74
N PTR A 450 1.43 -8.13 12.73
CA PTR A 450 1.43 -9.33 13.56
C PTR A 450 2.66 -9.39 14.46
O PTR A 450 3.76 -9.64 13.98
CB PTR A 450 1.40 -10.60 12.69
CG PTR A 450 0.08 -10.84 12.02
CD1 PTR A 450 -0.92 -11.57 12.65
CD2 PTR A 450 -0.19 -10.34 10.75
CE1 PTR A 450 -2.14 -11.80 12.05
CE2 PTR A 450 -1.41 -10.57 10.13
CZ PTR A 450 -2.38 -11.30 10.78
OH PTR A 450 -3.53 -11.50 10.21
P PTR A 450 -3.88 -12.88 9.47
O1P PTR A 450 -3.48 -12.77 8.05
O2P PTR A 450 -5.41 -13.11 9.56
O3P PTR A 450 -3.14 -14.06 10.14
N GLU A 451 2.48 -9.17 15.76
CA GLU A 451 3.58 -9.25 16.69
C GLU A 451 4.10 -10.69 16.87
N GLU A 452 5.39 -10.87 16.61
CA GLU A 452 5.99 -12.19 16.59
C GLU A 452 6.84 -12.45 17.83
N ILE A 453 6.43 -13.41 18.65
CA ILE A 453 7.14 -13.72 19.88
C ILE A 453 7.90 -15.04 19.77
N PRO A 454 9.14 -15.08 20.31
CA PRO A 454 9.94 -16.30 20.31
C PRO A 454 9.69 -17.16 21.55
N ARG B 8 23.94 37.34 -19.15
CA ARG B 8 24.83 37.31 -17.99
C ARG B 8 24.41 36.21 -17.02
N ILE B 9 24.79 34.98 -17.36
CA ILE B 9 24.39 33.81 -16.57
C ILE B 9 25.45 33.43 -15.54
N ILE B 10 25.41 34.08 -14.39
CA ILE B 10 26.37 33.80 -13.32
C ILE B 10 26.03 32.49 -12.62
N VAL B 11 27.03 31.84 -12.04
CA VAL B 11 26.86 30.53 -11.42
C VAL B 11 27.89 30.36 -10.30
N VAL B 12 27.62 29.47 -9.35
CA VAL B 12 28.53 29.26 -8.24
C VAL B 12 28.87 27.78 -8.02
N ALA B 13 30.13 27.50 -7.70
CA ALA B 13 30.61 26.14 -7.50
C ALA B 13 30.22 25.61 -6.14
N LEU B 14 29.66 24.40 -6.12
CA LEU B 14 29.18 23.78 -4.89
C LEU B 14 30.22 22.88 -4.24
N TYR B 15 31.13 22.33 -5.04
CA TYR B 15 32.19 21.46 -4.52
C TYR B 15 33.52 21.73 -5.21
N ASP B 16 34.60 21.33 -4.55
CA ASP B 16 35.94 21.44 -5.15
C ASP B 16 36.05 20.50 -6.34
N TYR B 17 36.81 20.90 -7.35
CA TYR B 17 36.97 20.09 -8.55
C TYR B 17 38.37 20.19 -9.13
N GLU B 18 38.94 19.04 -9.47
CA GLU B 18 40.21 18.98 -10.18
C GLU B 18 39.97 18.47 -11.59
N ALA B 19 40.63 19.10 -12.56
CA ALA B 19 40.49 18.69 -13.95
C ALA B 19 41.03 17.28 -14.17
N ILE B 20 40.46 16.58 -15.14
CA ILE B 20 40.93 15.26 -15.51
C ILE B 20 41.13 15.21 -17.02
N HIS B 21 40.54 16.18 -17.71
CA HIS B 21 40.77 16.36 -19.14
C HIS B 21 41.69 17.56 -19.34
N HIS B 22 41.89 17.95 -20.59
CA HIS B 22 42.78 19.06 -20.89
C HIS B 22 42.00 20.36 -21.15
N GLU B 23 40.78 20.21 -21.64
CA GLU B 23 39.94 21.36 -21.96
C GLU B 23 38.82 21.59 -20.96
N ASP B 24 39.01 21.12 -19.73
CA ASP B 24 38.02 21.32 -18.68
C ASP B 24 38.60 22.13 -17.51
N LEU B 25 37.74 22.95 -16.90
CA LEU B 25 38.16 23.88 -15.87
C LEU B 25 38.20 23.29 -14.47
N SER B 26 39.11 23.80 -13.64
CA SER B 26 39.17 23.44 -12.23
C SER B 26 38.65 24.61 -11.39
N PHE B 27 37.93 24.28 -10.31
CA PHE B 27 37.39 25.32 -9.43
C PHE B 27 37.28 24.85 -7.98
N GLN B 28 37.45 25.80 -7.06
CA GLN B 28 37.29 25.54 -5.63
C GLN B 28 35.84 25.77 -5.20
N LYS B 29 35.56 25.54 -3.91
CA LYS B 29 34.21 25.72 -3.40
C LYS B 29 33.91 27.21 -3.16
N GLY B 30 33.04 27.76 -3.98
CA GLY B 30 32.69 29.17 -3.89
C GLY B 30 33.08 29.95 -5.13
N ASP B 31 33.67 29.26 -6.10
CA ASP B 31 34.08 29.89 -7.36
C ASP B 31 32.89 30.36 -8.17
N GLN B 32 32.91 31.64 -8.55
CA GLN B 32 31.86 32.23 -9.37
C GLN B 32 32.31 32.20 -10.83
N MET B 33 31.44 31.71 -11.71
CA MET B 33 31.78 31.62 -13.13
C MET B 33 30.64 32.09 -14.03
N VAL B 34 30.90 32.18 -15.33
CA VAL B 34 29.92 32.64 -16.30
C VAL B 34 29.61 31.56 -17.35
N VAL B 35 28.37 31.11 -17.38
CA VAL B 35 27.96 30.11 -18.36
C VAL B 35 27.99 30.70 -19.78
N LEU B 36 28.72 30.04 -20.67
CA LEU B 36 28.86 30.51 -22.05
C LEU B 36 27.97 29.71 -22.98
N GLU B 37 27.97 28.38 -22.81
CA GLU B 37 27.17 27.50 -23.64
C GLU B 37 26.63 26.33 -22.83
N GLU B 38 25.36 25.99 -23.05
CA GLU B 38 24.73 24.89 -22.35
C GLU B 38 24.46 23.70 -23.28
N SER B 39 25.50 22.91 -23.53
CA SER B 39 25.39 21.74 -24.37
C SER B 39 24.44 20.72 -23.74
N GLY B 40 24.93 20.08 -22.69
CA GLY B 40 24.13 19.11 -21.94
C GLY B 40 24.65 18.95 -20.53
N GLU B 41 25.37 17.85 -20.29
CA GLU B 41 25.93 17.58 -18.97
C GLU B 41 27.17 18.43 -18.69
N TRP B 42 27.90 18.78 -19.76
CA TRP B 42 29.06 19.64 -19.65
C TRP B 42 28.78 21.02 -20.25
N TRP B 43 29.11 22.07 -19.50
CA TRP B 43 28.86 23.43 -19.96
C TRP B 43 30.14 24.22 -20.15
N LYS B 44 30.28 24.83 -21.31
CA LYS B 44 31.39 25.74 -21.58
C LYS B 44 31.20 26.97 -20.69
N ALA B 45 32.18 27.23 -19.83
CA ALA B 45 32.07 28.32 -18.86
C ALA B 45 33.38 29.08 -18.67
N ARG B 46 33.28 30.36 -18.32
CA ARG B 46 34.43 31.19 -18.03
C ARG B 46 34.49 31.53 -16.55
N SER B 47 35.60 31.18 -15.90
CA SER B 47 35.77 31.49 -14.48
C SER B 47 35.95 32.99 -14.27
N LEU B 48 35.67 33.45 -13.05
CA LEU B 48 35.88 34.84 -12.69
C LEU B 48 37.09 34.94 -11.80
N ALA B 49 37.41 33.82 -11.15
CA ALA B 49 38.53 33.76 -10.24
C ALA B 49 39.84 33.61 -11.01
N THR B 50 39.82 32.79 -12.05
CA THR B 50 41.01 32.54 -12.85
C THR B 50 40.86 33.08 -14.27
N ARG B 51 39.66 33.50 -14.62
CA ARG B 51 39.34 34.05 -15.94
C ARG B 51 39.56 33.04 -17.08
N LYS B 52 39.87 31.80 -16.73
CA LYS B 52 40.09 30.76 -17.73
C LYS B 52 38.76 30.24 -18.25
N GLU B 53 38.74 29.84 -19.51
CA GLU B 53 37.53 29.29 -20.12
C GLU B 53 37.70 27.79 -20.35
N GLY B 54 36.72 27.01 -19.90
CA GLY B 54 36.77 25.56 -20.06
C GLY B 54 35.39 24.92 -20.00
N TYR B 55 35.37 23.60 -19.83
CA TYR B 55 34.12 22.86 -19.65
C TYR B 55 33.94 22.46 -18.19
N ILE B 56 32.73 22.64 -17.68
CA ILE B 56 32.43 22.28 -16.31
C ILE B 56 31.27 21.29 -16.21
N PRO B 57 31.30 20.42 -15.20
CA PRO B 57 30.17 19.52 -14.92
C PRO B 57 28.98 20.32 -14.38
N SER B 58 27.87 20.28 -15.10
CA SER B 58 26.69 21.06 -14.72
C SER B 58 26.10 20.66 -13.37
N ASN B 59 26.33 19.42 -12.95
CA ASN B 59 25.83 18.94 -11.67
C ASN B 59 26.73 19.31 -10.49
N TYR B 60 27.68 20.20 -10.74
CA TYR B 60 28.62 20.63 -9.70
C TYR B 60 28.40 22.08 -9.32
N VAL B 61 27.75 22.82 -10.22
CA VAL B 61 27.49 24.23 -10.02
C VAL B 61 26.00 24.53 -10.06
N ALA B 62 25.61 25.66 -9.48
CA ALA B 62 24.21 26.05 -9.42
C ALA B 62 24.07 27.57 -9.44
N ARG B 63 22.90 28.05 -9.86
CA ARG B 63 22.65 29.48 -9.99
C ARG B 63 22.85 30.24 -8.68
N VAL B 64 23.39 31.45 -8.79
CA VAL B 64 23.68 32.25 -7.61
C VAL B 64 22.40 32.69 -6.92
N ASP B 65 22.44 32.70 -5.59
CA ASP B 65 21.27 33.04 -4.78
C ASP B 65 20.07 32.12 -5.03
N SER B 66 20.36 30.91 -5.49
CA SER B 66 19.37 29.85 -5.50
C SER B 66 19.45 29.21 -4.12
N LEU B 67 18.65 28.18 -3.88
CA LEU B 67 18.63 27.56 -2.55
C LEU B 67 19.75 26.55 -2.34
N GLU B 68 20.15 25.89 -3.42
CA GLU B 68 21.18 24.87 -3.36
C GLU B 68 22.52 25.42 -2.88
N THR B 69 22.73 26.72 -3.11
CA THR B 69 23.92 27.41 -2.63
C THR B 69 24.01 27.29 -1.11
N GLU B 70 22.86 27.37 -0.45
CA GLU B 70 22.80 27.15 0.98
C GLU B 70 23.07 25.67 1.24
N GLU B 71 23.86 25.38 2.27
CA GLU B 71 24.34 24.02 2.50
C GLU B 71 23.25 23.05 2.94
N TRP B 72 22.18 23.59 3.52
CA TRP B 72 21.12 22.75 4.08
C TRP B 72 20.02 22.34 3.10
N PHE B 73 20.07 22.90 1.89
CA PHE B 73 19.04 22.61 0.89
C PHE B 73 19.44 21.45 -0.03
N PHE B 74 18.46 20.62 -0.37
CA PHE B 74 18.70 19.46 -1.23
C PHE B 74 17.63 19.33 -2.31
N LYS B 75 18.01 19.63 -3.54
CA LYS B 75 17.05 19.62 -4.66
C LYS B 75 16.75 18.21 -5.17
N GLY B 76 15.50 17.98 -5.54
CA GLY B 76 15.10 16.74 -6.17
C GLY B 76 15.27 15.51 -5.29
N ILE B 77 15.02 15.70 -3.99
CA ILE B 77 15.19 14.61 -3.04
C ILE B 77 13.85 14.19 -2.42
N SER B 78 13.53 12.91 -2.56
CA SER B 78 12.30 12.37 -2.00
C SER B 78 12.42 12.20 -0.49
N ARG B 79 11.32 11.82 0.15
CA ARG B 79 11.29 11.67 1.60
C ARG B 79 12.11 10.46 2.04
N LYS B 80 12.01 9.38 1.28
CA LYS B 80 12.72 8.16 1.62
C LYS B 80 14.21 8.31 1.33
N ASP B 81 14.54 9.08 0.29
CA ASP B 81 15.92 9.39 -0.02
C ASP B 81 16.53 10.27 1.06
N ALA B 82 15.76 11.24 1.54
CA ALA B 82 16.21 12.13 2.61
C ALA B 82 16.43 11.33 3.88
N GLU B 83 15.65 10.27 4.04
CA GLU B 83 15.79 9.39 5.19
C GLU B 83 17.07 8.55 5.08
N ARG B 84 17.37 8.08 3.87
CA ARG B 84 18.59 7.30 3.63
C ARG B 84 19.86 8.12 3.80
N GLN B 85 19.88 9.32 3.25
CA GLN B 85 21.08 10.16 3.30
C GLN B 85 21.34 10.75 4.68
N LEU B 86 20.26 11.01 5.43
CA LEU B 86 20.39 11.51 6.79
C LEU B 86 20.81 10.41 7.76
N LEU B 87 20.53 9.16 7.40
CA LEU B 87 20.94 8.03 8.24
C LEU B 87 22.29 7.48 7.81
N ALA B 88 22.90 8.12 6.81
CA ALA B 88 24.25 7.76 6.38
C ALA B 88 25.24 8.11 7.48
N PRO B 89 26.30 7.30 7.63
CA PRO B 89 27.32 7.60 8.64
C PRO B 89 28.05 8.89 8.27
N GLY B 90 28.38 9.69 9.29
CA GLY B 90 28.95 11.00 9.07
C GLY B 90 27.96 12.06 9.51
N ASN B 91 26.87 11.59 10.11
CA ASN B 91 25.85 12.47 10.68
C ASN B 91 25.50 12.05 12.11
N MET B 92 24.90 12.96 12.87
CA MET B 92 24.49 12.68 14.24
C MET B 92 23.09 13.24 14.48
N LEU B 93 22.65 13.22 15.73
CA LEU B 93 21.34 13.77 16.08
C LEU B 93 21.27 15.25 15.76
N GLY B 94 20.11 15.71 15.32
CA GLY B 94 19.92 17.10 14.98
C GLY B 94 20.27 17.42 13.54
N SER B 95 20.98 16.49 12.88
CA SER B 95 21.32 16.66 11.48
C SER B 95 20.05 16.80 10.64
N PHE B 96 20.01 17.82 9.80
CA PHE B 96 18.78 18.16 9.09
C PHE B 96 19.01 18.49 7.63
N MET B 97 17.91 18.79 6.94
CA MET B 97 17.96 19.24 5.54
C MET B 97 16.61 19.80 5.12
N ILE B 98 16.63 20.72 4.17
CA ILE B 98 15.39 21.24 3.60
C ILE B 98 15.33 20.85 2.14
N ARG B 99 14.19 20.32 1.72
CA ARG B 99 14.09 19.70 0.40
C ARG B 99 12.78 20.04 -0.27
N ASP B 100 12.65 19.65 -1.55
CA ASP B 100 11.41 19.82 -2.28
C ASP B 100 10.40 18.79 -1.82
N SER B 101 9.30 19.26 -1.25
CA SER B 101 8.21 18.39 -0.83
C SER B 101 7.60 17.74 -2.08
N GLU B 102 7.55 16.41 -2.08
CA GLU B 102 7.07 15.68 -3.27
C GLU B 102 5.55 15.50 -3.26
N THR B 103 4.91 15.85 -2.14
CA THR B 103 3.45 15.79 -2.05
C THR B 103 2.85 17.18 -2.08
N THR B 104 3.54 18.13 -1.45
CA THR B 104 3.16 19.53 -1.52
C THR B 104 4.06 20.22 -2.54
N LYS B 105 3.95 19.79 -3.80
CA LYS B 105 4.82 20.28 -4.86
C LYS B 105 4.67 21.78 -5.12
N GLY B 106 5.80 22.48 -5.07
CA GLY B 106 5.81 23.93 -5.10
C GLY B 106 6.30 24.44 -3.77
N SER B 107 5.93 23.74 -2.70
CA SER B 107 6.40 24.05 -1.36
C SER B 107 7.54 23.12 -0.96
N TYR B 108 7.94 23.20 0.31
CA TYR B 108 9.10 22.47 0.80
C TYR B 108 8.80 21.60 2.02
N SER B 109 9.77 20.78 2.41
CA SER B 109 9.66 19.96 3.62
C SER B 109 10.99 19.95 4.39
N LEU B 110 10.90 19.63 5.68
CA LEU B 110 12.08 19.60 6.55
C LEU B 110 12.26 18.23 7.19
N SER B 111 13.47 17.68 7.07
CA SER B 111 13.76 16.37 7.65
C SER B 111 14.83 16.50 8.73
N VAL B 112 14.55 15.94 9.91
CA VAL B 112 15.46 16.04 11.05
C VAL B 112 15.76 14.66 11.64
N ARG B 113 16.99 14.47 12.09
CA ARG B 113 17.40 13.20 12.71
C ARG B 113 17.11 13.19 14.21
N ASP B 114 16.48 12.11 14.67
CA ASP B 114 16.07 11.98 16.06
C ASP B 114 16.46 10.59 16.57
N TYR B 115 16.35 10.39 17.88
CA TYR B 115 16.63 9.08 18.48
C TYR B 115 15.59 8.74 19.55
N ASP B 116 15.06 7.52 19.48
CA ASP B 116 14.26 6.98 20.57
C ASP B 116 14.64 5.51 20.77
N PRO B 117 14.72 5.08 22.04
CA PRO B 117 15.27 3.77 22.40
C PRO B 117 14.48 2.58 21.85
N ARG B 118 13.23 2.79 21.45
CA ARG B 118 12.37 1.69 21.02
C ARG B 118 12.49 1.41 19.53
N GLN B 119 12.91 2.42 18.78
CA GLN B 119 13.02 2.29 17.32
C GLN B 119 14.43 2.64 16.82
N GLY B 120 15.32 2.98 17.75
CA GLY B 120 16.66 3.39 17.39
C GLY B 120 16.67 4.77 16.76
N ASP B 121 17.62 5.01 15.87
CA ASP B 121 17.68 6.29 15.15
C ASP B 121 16.53 6.41 14.16
N THR B 122 15.94 7.61 14.10
CA THR B 122 14.84 7.88 13.19
C THR B 122 15.00 9.23 12.51
N VAL B 123 14.13 9.49 11.53
CA VAL B 123 14.12 10.77 10.82
C VAL B 123 12.69 11.29 10.72
N LYS B 124 12.40 12.35 11.47
CA LYS B 124 11.08 12.98 11.43
C LYS B 124 10.99 13.96 10.26
N HIS B 125 9.81 14.11 9.68
CA HIS B 125 9.60 15.01 8.56
C HIS B 125 8.49 16.03 8.84
N TYR B 126 8.84 17.30 8.89
CA TYR B 126 7.85 18.37 9.09
C TYR B 126 7.62 19.12 7.78
N LYS B 127 6.38 19.56 7.56
CA LYS B 127 6.06 20.30 6.35
C LYS B 127 6.17 21.81 6.55
N ILE B 128 6.32 22.54 5.45
CA ILE B 128 6.43 23.99 5.48
C ILE B 128 5.52 24.60 4.43
N ARG B 129 5.11 25.85 4.64
CA ARG B 129 4.15 26.49 3.74
C ARG B 129 4.23 28.02 3.77
N THR B 130 3.61 28.66 2.76
CA THR B 130 3.62 30.11 2.59
C THR B 130 3.16 30.85 3.84
N PHE B 136 6.83 31.82 5.66
CA PHE B 136 7.38 30.52 6.02
C PHE B 136 7.14 30.19 7.49
N TYR B 137 6.50 29.05 7.73
CA TYR B 137 6.27 28.58 9.09
C TYR B 137 5.95 27.09 9.14
N ILE B 138 6.24 26.46 10.28
CA ILE B 138 5.85 25.08 10.52
C ILE B 138 4.77 25.09 11.59
N SER B 139 4.99 25.88 12.64
CA SER B 139 3.99 26.15 13.66
C SER B 139 3.61 27.62 13.56
N PRO B 140 2.29 27.91 13.52
CA PRO B 140 1.76 29.27 13.32
C PRO B 140 2.25 30.28 14.36
N ARG B 141 2.79 29.79 15.46
CA ARG B 141 3.23 30.63 16.57
C ARG B 141 4.53 31.38 16.27
N SER B 142 5.33 30.85 15.35
CA SER B 142 6.61 31.46 15.01
C SER B 142 6.67 31.93 13.56
N THR B 143 6.87 33.24 13.38
CA THR B 143 6.89 33.85 12.06
C THR B 143 8.29 33.87 11.45
N PHE B 144 8.36 33.55 10.15
CA PHE B 144 9.62 33.59 9.41
C PHE B 144 9.39 34.09 7.98
N SER B 145 10.32 34.91 7.49
CA SER B 145 10.20 35.48 6.15
C SER B 145 11.25 34.91 5.20
N THR B 146 12.29 34.30 5.75
CA THR B 146 13.29 33.59 4.97
C THR B 146 13.51 32.19 5.55
N LEU B 147 14.24 31.36 4.82
CA LEU B 147 14.47 29.99 5.26
C LEU B 147 15.69 29.90 6.19
N GLN B 148 16.61 30.84 6.04
CA GLN B 148 17.75 30.94 6.95
C GLN B 148 17.28 31.34 8.34
N GLU B 149 16.38 32.32 8.39
CA GLU B 149 15.77 32.77 9.64
C GLU B 149 15.04 31.61 10.30
N LEU B 150 14.40 30.79 9.48
CA LEU B 150 13.69 29.61 9.95
C LEU B 150 14.64 28.64 10.66
N VAL B 151 15.76 28.34 9.99
CA VAL B 151 16.76 27.42 10.52
C VAL B 151 17.34 27.90 11.85
N ASP B 152 17.68 29.19 11.92
CA ASP B 152 18.38 29.75 13.06
C ASP B 152 17.59 29.67 14.38
N HIS B 153 16.29 29.86 14.32
CA HIS B 153 15.46 29.78 15.52
C HIS B 153 15.36 28.34 16.03
N TYR B 154 15.30 27.38 15.11
CA TYR B 154 15.15 25.99 15.49
C TYR B 154 16.47 25.30 15.83
N LYS B 155 17.58 25.96 15.51
CA LYS B 155 18.89 25.53 15.99
C LYS B 155 19.00 25.94 17.46
N LYS B 156 18.25 26.96 17.83
CA LYS B 156 18.24 27.49 19.18
C LYS B 156 16.97 27.06 19.92
N GLY B 157 16.97 25.82 20.40
CA GLY B 157 15.83 25.29 21.12
C GLY B 157 14.70 24.88 20.21
N ASN B 158 14.25 23.63 20.36
CA ASN B 158 13.18 23.10 19.53
C ASN B 158 11.79 23.61 19.92
N ASP B 159 11.25 24.51 19.11
CA ASP B 159 9.92 25.04 19.33
C ASP B 159 8.85 24.01 18.92
N GLY B 160 8.78 22.92 19.69
CA GLY B 160 7.78 21.89 19.46
C GLY B 160 8.25 20.72 18.63
N LEU B 161 9.55 20.46 18.64
CA LEU B 161 10.11 19.35 17.87
C LEU B 161 10.48 18.18 18.76
N CYS B 162 10.75 17.04 18.15
CA CYS B 162 11.13 15.83 18.90
C CYS B 162 12.62 15.84 19.21
N GLN B 163 13.35 16.74 18.57
CA GLN B 163 14.78 16.96 18.81
C GLN B 163 15.20 18.20 18.01
N LYS B 164 15.95 19.10 18.64
CA LYS B 164 16.32 20.36 17.99
C LYS B 164 17.37 20.19 16.89
N LEU B 165 17.61 21.26 16.14
CA LEU B 165 18.50 21.22 14.98
C LEU B 165 19.99 21.25 15.34
N SER B 166 20.83 21.03 14.34
CA SER B 166 22.27 20.94 14.54
C SER B 166 23.06 21.34 13.29
N VAL B 167 23.43 20.34 12.49
CA VAL B 167 24.30 20.54 11.34
C VAL B 167 23.64 20.00 10.07
N PRO B 168 23.71 20.75 8.97
CA PRO B 168 23.20 20.30 7.67
C PRO B 168 23.73 18.90 7.32
N CYS B 169 22.87 18.06 6.78
CA CYS B 169 23.24 16.69 6.41
C CYS B 169 24.44 16.71 5.49
N MET B 170 25.46 15.91 5.82
CA MET B 170 26.68 15.88 5.04
C MET B 170 26.43 15.41 3.60
N SER B 171 26.93 16.18 2.65
CA SER B 171 26.76 15.86 1.24
C SER B 171 28.10 15.53 0.62
N SER B 172 28.14 14.45 -0.17
CA SER B 172 29.37 14.05 -0.84
C SER B 172 29.43 14.62 -2.25
N LYS B 173 30.65 14.78 -2.75
CA LYS B 173 30.87 15.22 -4.12
C LYS B 173 30.29 14.18 -5.08
N PRO B 174 29.27 14.58 -5.85
CA PRO B 174 28.55 13.64 -6.75
C PRO B 174 29.46 13.06 -7.83
N GLN B 175 29.00 11.98 -8.46
CA GLN B 175 29.75 11.35 -9.55
C GLN B 175 29.78 12.28 -10.76
N LYS B 176 30.98 12.71 -11.13
CA LYS B 176 31.18 13.56 -12.30
C LYS B 176 30.64 12.86 -13.54
N PRO B 177 30.01 13.62 -14.45
CA PRO B 177 29.42 13.04 -15.66
C PRO B 177 30.48 12.45 -16.57
N TRP B 178 30.06 11.80 -17.66
CA TRP B 178 30.98 11.09 -18.54
C TRP B 178 31.94 12.02 -19.27
N GLU B 179 31.68 12.26 -20.56
CA GLU B 179 32.55 13.09 -21.37
C GLU B 179 31.91 13.45 -22.71
N LYS B 180 32.21 14.65 -23.19
CA LYS B 180 31.71 15.12 -24.48
C LYS B 180 32.10 14.20 -25.63
N ASP B 181 31.11 13.83 -26.44
CA ASP B 181 31.31 12.99 -27.63
C ASP B 181 31.87 11.60 -27.34
N ALA B 182 31.92 11.22 -26.07
CA ALA B 182 32.58 9.99 -25.68
C ALA B 182 31.62 8.81 -25.53
N TRP B 183 30.68 8.69 -26.47
CA TRP B 183 29.80 7.52 -26.50
C TRP B 183 30.55 6.31 -27.03
N GLU B 184 31.13 6.44 -28.23
CA GLU B 184 32.03 5.43 -28.75
C GLU B 184 33.47 5.92 -28.62
N ILE B 185 34.34 5.06 -28.12
CA ILE B 185 35.69 5.46 -27.77
C ILE B 185 36.75 4.51 -28.34
N PRO B 186 37.97 5.04 -28.56
CA PRO B 186 39.10 4.18 -28.90
C PRO B 186 39.34 3.18 -27.77
N ARG B 187 39.71 1.96 -28.12
CA ARG B 187 39.98 0.93 -27.11
C ARG B 187 41.24 1.30 -26.33
N GLU B 188 42.12 2.09 -26.96
CA GLU B 188 43.40 2.47 -26.37
C GLU B 188 43.25 3.29 -25.09
N SER B 189 42.08 3.89 -24.91
CA SER B 189 41.80 4.70 -23.73
C SER B 189 41.62 3.85 -22.49
N LEU B 190 41.33 2.57 -22.70
CA LEU B 190 41.05 1.64 -21.60
C LEU B 190 42.30 0.90 -21.12
N LYS B 191 42.39 0.70 -19.81
CA LYS B 191 43.41 -0.16 -19.22
C LYS B 191 42.75 -1.13 -18.25
N LEU B 192 42.38 -2.31 -18.75
CA LEU B 192 41.66 -3.28 -17.93
C LEU B 192 42.59 -3.92 -16.90
N GLU B 193 42.72 -3.25 -15.75
CA GLU B 193 43.73 -3.58 -14.77
C GLU B 193 43.54 -4.92 -14.04
N LYS B 194 42.30 -5.37 -13.93
CA LYS B 194 42.01 -6.53 -13.09
C LYS B 194 40.73 -7.25 -13.51
N LYS B 195 40.81 -8.56 -13.70
CA LYS B 195 39.64 -9.35 -14.05
C LYS B 195 38.79 -9.60 -12.81
N LEU B 196 37.55 -9.13 -12.86
CA LEU B 196 36.62 -9.28 -11.75
C LEU B 196 35.87 -10.60 -11.81
N GLY B 197 35.31 -10.90 -12.97
CA GLY B 197 34.52 -12.12 -13.14
C GLY B 197 34.53 -12.63 -14.56
N ALA B 198 34.19 -13.91 -14.72
CA ALA B 198 34.18 -14.54 -16.03
C ALA B 198 32.91 -15.36 -16.23
N GLY B 199 32.37 -15.34 -17.44
CA GLY B 199 31.14 -16.05 -17.75
C GLY B 199 31.23 -16.79 -19.07
N GLN B 200 30.13 -17.44 -19.44
CA GLN B 200 30.07 -18.21 -20.68
C GLN B 200 30.09 -17.30 -21.91
N PHE B 201 29.43 -16.15 -21.79
CA PHE B 201 29.28 -15.25 -22.93
C PHE B 201 30.27 -14.09 -22.94
N GLY B 202 31.16 -14.05 -21.96
CA GLY B 202 32.17 -13.01 -21.90
C GLY B 202 32.83 -12.86 -20.55
N GLU B 203 33.53 -11.73 -20.35
CA GLU B 203 34.24 -11.46 -19.10
C GLU B 203 34.00 -10.04 -18.61
N VAL B 204 34.27 -9.80 -17.33
CA VAL B 204 34.08 -8.47 -16.74
C VAL B 204 35.33 -8.03 -15.96
N TRP B 205 35.89 -6.90 -16.36
CA TRP B 205 37.13 -6.39 -15.79
C TRP B 205 36.93 -5.05 -15.09
N MET B 206 37.64 -4.86 -13.98
CA MET B 206 37.76 -3.54 -13.37
C MET B 206 38.78 -2.78 -14.18
N ALA B 207 38.36 -1.69 -14.83
CA ALA B 207 39.24 -0.99 -15.74
C ALA B 207 39.45 0.47 -15.39
N THR B 208 40.18 1.16 -16.26
CA THR B 208 40.49 2.58 -16.09
C THR B 208 40.30 3.29 -17.42
N TYR B 209 39.70 4.47 -17.37
CA TYR B 209 39.52 5.29 -18.57
C TYR B 209 40.40 6.54 -18.48
N ASN B 210 41.42 6.60 -19.33
CA ASN B 210 42.37 7.71 -19.35
C ASN B 210 42.99 8.02 -17.98
N LYS B 211 43.55 6.97 -17.37
CA LYS B 211 44.28 7.04 -16.09
C LYS B 211 43.69 7.98 -15.01
N HIS B 212 42.38 8.18 -15.03
CA HIS B 212 41.74 9.06 -14.05
C HIS B 212 40.31 8.63 -13.68
N THR B 213 39.61 8.00 -14.61
CA THR B 213 38.23 7.56 -14.35
C THR B 213 38.13 6.05 -14.18
N LYS B 214 37.84 5.62 -12.95
CA LYS B 214 37.68 4.19 -12.64
C LYS B 214 36.36 3.66 -13.19
N VAL B 215 36.44 2.64 -14.04
CA VAL B 215 35.23 2.09 -14.66
C VAL B 215 35.19 0.57 -14.60
N ALA B 216 34.20 -0.01 -15.27
CA ALA B 216 34.09 -1.46 -15.40
C ALA B 216 33.75 -1.81 -16.84
N VAL B 217 34.46 -2.78 -17.40
CA VAL B 217 34.28 -3.16 -18.81
C VAL B 217 33.85 -4.61 -18.96
N LYS B 218 32.92 -4.85 -19.89
CA LYS B 218 32.50 -6.22 -20.20
C LYS B 218 32.92 -6.59 -21.63
N THR B 219 33.79 -7.59 -21.74
CA THR B 219 34.27 -8.06 -23.04
C THR B 219 33.36 -9.15 -23.58
N MET B 220 32.83 -8.91 -24.78
CA MET B 220 31.92 -9.86 -25.43
C MET B 220 32.64 -10.74 -26.44
N LYS B 221 32.90 -11.99 -26.04
CA LYS B 221 33.45 -12.99 -26.94
C LYS B 221 32.45 -13.23 -28.08
N PRO B 222 32.96 -13.44 -29.31
CA PRO B 222 32.11 -13.55 -30.52
C PRO B 222 31.03 -14.62 -30.38
N GLY B 223 29.94 -14.26 -29.73
CA GLY B 223 28.85 -15.20 -29.48
C GLY B 223 27.67 -15.03 -30.42
N SER B 224 26.48 -14.91 -29.84
CA SER B 224 25.25 -14.87 -30.61
C SER B 224 24.76 -13.45 -30.89
N MET B 225 25.42 -12.78 -31.84
CA MET B 225 25.02 -11.43 -32.25
C MET B 225 25.80 -10.96 -33.47
N SER B 226 25.41 -9.80 -33.98
CA SER B 226 26.22 -9.05 -34.95
C SER B 226 26.37 -7.64 -34.40
N VAL B 227 27.36 -6.90 -34.90
CA VAL B 227 27.68 -5.57 -34.37
C VAL B 227 26.50 -4.59 -34.36
N GLU B 228 25.75 -4.56 -35.47
CA GLU B 228 24.62 -3.64 -35.60
C GLU B 228 23.55 -3.87 -34.52
N ALA B 229 23.32 -5.14 -34.19
CA ALA B 229 22.30 -5.51 -33.22
C ALA B 229 22.60 -4.96 -31.83
N PHE B 230 23.78 -5.30 -31.31
CA PHE B 230 24.19 -4.84 -29.98
C PHE B 230 24.47 -3.34 -29.97
N LEU B 231 24.81 -2.77 -31.13
CA LEU B 231 24.97 -1.33 -31.27
C LEU B 231 23.64 -0.63 -31.03
N ALA B 232 22.58 -1.20 -31.60
CA ALA B 232 21.24 -0.62 -31.48
C ALA B 232 20.68 -0.75 -30.07
N GLU B 233 20.69 -1.97 -29.53
CA GLU B 233 20.07 -2.22 -28.23
C GLU B 233 20.80 -1.53 -27.07
N ALA B 234 22.12 -1.44 -27.14
CA ALA B 234 22.89 -0.76 -26.11
C ALA B 234 22.73 0.74 -26.23
N ASN B 235 22.47 1.22 -27.44
CA ASN B 235 22.17 2.62 -27.68
C ASN B 235 20.84 3.00 -27.04
N VAL B 236 19.94 2.02 -26.97
CA VAL B 236 18.63 2.23 -26.35
C VAL B 236 18.73 2.16 -24.83
N MET B 237 19.53 1.24 -24.32
CA MET B 237 19.70 1.08 -22.87
C MET B 237 20.45 2.25 -22.25
N LYS B 238 20.99 3.12 -23.10
CA LYS B 238 21.60 4.36 -22.64
C LYS B 238 20.51 5.38 -22.32
N THR B 239 19.38 5.26 -23.00
CA THR B 239 18.25 6.16 -22.76
C THR B 239 17.40 5.69 -21.59
N LEU B 240 17.75 4.55 -21.02
CA LEU B 240 17.05 4.03 -19.85
C LEU B 240 17.84 4.34 -18.59
N GLN B 241 18.26 5.59 -18.46
CA GLN B 241 19.00 6.04 -17.28
C GLN B 241 18.12 5.97 -16.04
N HIS B 242 18.71 5.55 -14.93
CA HIS B 242 18.03 5.58 -13.64
C HIS B 242 19.02 5.47 -12.49
N ASP B 243 18.63 6.03 -11.35
CA ASP B 243 19.47 6.05 -10.17
C ASP B 243 19.60 4.68 -9.53
N LYS B 244 18.78 3.73 -10.01
CA LYS B 244 18.81 2.35 -9.50
C LYS B 244 19.11 1.35 -10.61
N LEU B 245 19.65 1.86 -11.71
CA LEU B 245 20.18 1.01 -12.77
C LEU B 245 21.66 1.33 -12.93
N VAL B 246 22.47 0.32 -13.26
CA VAL B 246 23.90 0.54 -13.43
C VAL B 246 24.15 1.46 -14.62
N LYS B 247 24.87 2.55 -14.38
CA LYS B 247 25.07 3.58 -15.38
C LYS B 247 25.95 3.10 -16.52
N LEU B 248 25.39 3.04 -17.73
CA LEU B 248 26.12 2.64 -18.92
C LEU B 248 26.80 3.84 -19.58
N HIS B 249 28.14 3.85 -19.53
CA HIS B 249 28.91 5.00 -20.00
C HIS B 249 29.21 4.99 -21.51
N ALA B 250 30.02 4.03 -21.95
CA ALA B 250 30.50 4.02 -23.32
C ALA B 250 30.56 2.65 -23.98
N VAL B 251 31.09 2.61 -25.20
CA VAL B 251 31.15 1.39 -25.99
C VAL B 251 32.32 1.41 -26.99
N VAL B 252 32.99 0.27 -27.15
CA VAL B 252 33.99 0.10 -28.19
C VAL B 252 33.39 -0.72 -29.33
N THR B 253 33.30 -0.11 -30.51
CA THR B 253 32.59 -0.69 -31.65
C THR B 253 33.32 -1.90 -32.24
N LYS B 254 34.64 -1.86 -32.23
CA LYS B 254 35.47 -2.92 -32.82
C LYS B 254 35.42 -4.22 -32.02
N GLU B 255 35.12 -5.32 -32.69
CA GLU B 255 35.02 -6.63 -32.05
C GLU B 255 36.37 -7.06 -31.48
N PRO B 256 36.36 -7.69 -30.30
CA PRO B 256 35.19 -7.99 -29.46
C PRO B 256 34.65 -6.74 -28.76
N ILE B 257 33.33 -6.59 -28.74
CA ILE B 257 32.70 -5.38 -28.21
C ILE B 257 32.99 -5.20 -26.72
N TYR B 258 33.43 -4.00 -26.36
CA TYR B 258 33.64 -3.66 -24.96
C TYR B 258 32.53 -2.75 -24.45
N ILE B 259 31.95 -3.12 -23.32
CA ILE B 259 30.87 -2.34 -22.71
C ILE B 259 31.36 -1.69 -21.44
N ILE B 260 31.41 -0.35 -21.44
CA ILE B 260 31.93 0.38 -20.30
C ILE B 260 30.81 0.96 -19.44
N THR B 261 30.76 0.55 -18.18
CA THR B 261 29.77 1.09 -17.24
C THR B 261 30.46 1.60 -15.98
N GLU B 262 29.67 2.09 -15.04
CA GLU B 262 30.21 2.57 -13.78
C GLU B 262 30.69 1.43 -12.90
N PHE B 263 31.61 1.74 -11.99
CA PHE B 263 32.18 0.74 -11.12
C PHE B 263 31.47 0.68 -9.77
N MET B 264 31.06 -0.52 -9.37
CA MET B 264 30.43 -0.73 -8.06
C MET B 264 31.43 -1.38 -7.10
N ALA B 265 31.88 -0.59 -6.13
CA ALA B 265 33.01 -0.97 -5.28
C ALA B 265 32.80 -2.16 -4.34
N LYS B 266 31.56 -2.57 -4.16
CA LYS B 266 31.27 -3.72 -3.28
C LYS B 266 30.87 -4.95 -4.10
N GLY B 267 30.83 -4.77 -5.42
CA GLY B 267 30.56 -5.87 -6.33
C GLY B 267 29.13 -6.39 -6.28
N SER B 268 28.98 -7.70 -6.45
CA SER B 268 27.66 -8.33 -6.46
C SER B 268 27.01 -8.29 -5.08
N LEU B 269 25.69 -8.26 -5.06
CA LEU B 269 24.95 -8.28 -3.81
C LEU B 269 25.07 -9.66 -3.17
N LEU B 270 24.99 -10.70 -4.01
CA LEU B 270 25.14 -12.08 -3.56
C LEU B 270 26.47 -12.28 -2.85
N ASP B 271 27.54 -11.77 -3.44
CA ASP B 271 28.87 -11.90 -2.87
C ASP B 271 29.06 -10.97 -1.67
N PHE B 272 28.27 -9.91 -1.62
CA PHE B 272 28.36 -8.97 -0.52
C PHE B 272 27.75 -9.55 0.75
N LEU B 273 26.56 -10.14 0.61
CA LEU B 273 25.87 -10.74 1.74
C LEU B 273 26.67 -11.90 2.33
N LYS B 274 27.33 -12.65 1.45
CA LYS B 274 28.15 -13.79 1.87
C LYS B 274 29.45 -13.34 2.54
N SER B 275 29.80 -12.07 2.38
CA SER B 275 31.04 -11.54 2.95
C SER B 275 30.93 -11.36 4.45
N ASP B 276 31.96 -10.78 5.05
CA ASP B 276 31.98 -10.51 6.47
C ASP B 276 31.12 -9.31 6.82
N GLU B 277 31.36 -8.20 6.12
CA GLU B 277 30.63 -6.96 6.34
C GLU B 277 29.15 -7.14 6.02
N GLY B 278 28.86 -7.93 4.99
CA GLY B 278 27.49 -8.19 4.59
C GLY B 278 26.71 -8.95 5.65
N SER B 279 27.39 -9.85 6.35
CA SER B 279 26.77 -10.65 7.40
C SER B 279 26.55 -9.83 8.67
N LYS B 280 27.10 -8.62 8.69
CA LYS B 280 26.93 -7.73 9.83
C LYS B 280 25.80 -6.73 9.59
N GLN B 281 25.26 -6.74 8.38
CA GLN B 281 24.18 -5.82 8.00
C GLN B 281 22.83 -6.32 8.52
N PRO B 282 22.19 -5.53 9.39
CA PRO B 282 20.92 -5.87 10.04
C PRO B 282 19.72 -5.95 9.08
N LEU B 283 18.55 -6.27 9.63
CA LEU B 283 17.34 -6.49 8.84
C LEU B 283 16.75 -5.26 8.12
N PRO B 284 16.64 -4.10 8.80
CA PRO B 284 16.05 -2.94 8.10
C PRO B 284 16.89 -2.48 6.92
N LYS B 285 18.19 -2.77 6.94
CA LYS B 285 19.07 -2.41 5.85
C LYS B 285 18.85 -3.36 4.68
N LEU B 286 18.53 -4.61 4.98
CA LEU B 286 18.20 -5.59 3.94
C LEU B 286 16.88 -5.22 3.27
N ILE B 287 15.91 -4.77 4.07
CA ILE B 287 14.64 -4.30 3.55
C ILE B 287 14.85 -3.04 2.72
N ASP B 288 15.84 -2.24 3.13
CA ASP B 288 16.20 -1.03 2.39
C ASP B 288 16.78 -1.39 1.02
N PHE B 289 17.63 -2.43 0.99
CA PHE B 289 18.23 -2.91 -0.25
C PHE B 289 17.15 -3.33 -1.24
N SER B 290 16.27 -4.22 -0.80
CA SER B 290 15.21 -4.75 -1.64
C SER B 290 14.23 -3.65 -2.07
N ALA B 291 14.12 -2.60 -1.27
CA ALA B 291 13.28 -1.46 -1.61
C ALA B 291 13.90 -0.67 -2.76
N GLN B 292 15.23 -0.61 -2.79
CA GLN B 292 15.95 0.06 -3.88
C GLN B 292 15.83 -0.75 -5.17
N ILE B 293 15.93 -2.07 -5.05
CA ILE B 293 15.74 -2.96 -6.18
C ILE B 293 14.31 -2.88 -6.67
N ALA B 294 13.38 -2.76 -5.74
CA ALA B 294 11.96 -2.58 -6.05
C ALA B 294 11.74 -1.31 -6.85
N GLU B 295 12.44 -0.25 -6.49
CA GLU B 295 12.32 1.03 -7.20
C GLU B 295 12.87 0.91 -8.62
N GLY B 296 14.02 0.26 -8.75
CA GLY B 296 14.64 0.07 -10.05
C GLY B 296 13.76 -0.78 -10.95
N MET B 297 13.11 -1.77 -10.36
CA MET B 297 12.17 -2.61 -11.08
C MET B 297 10.86 -1.88 -11.37
N ALA B 298 10.55 -0.89 -10.53
CA ALA B 298 9.36 -0.09 -10.74
C ALA B 298 9.51 0.81 -11.96
N PHE B 299 10.74 1.29 -12.19
CA PHE B 299 11.04 2.11 -13.35
C PHE B 299 11.08 1.28 -14.63
N ILE B 300 11.61 0.07 -14.53
CA ILE B 300 11.62 -0.86 -15.66
C ILE B 300 10.18 -1.21 -16.05
N GLU B 301 9.36 -1.47 -15.04
CA GLU B 301 7.95 -1.78 -15.25
C GLU B 301 7.18 -0.60 -15.81
N GLN B 302 7.48 0.59 -15.29
CA GLN B 302 6.87 1.84 -15.77
C GLN B 302 7.14 2.05 -17.25
N ARG B 303 8.36 1.76 -17.68
CA ARG B 303 8.75 1.87 -19.08
C ARG B 303 8.30 0.64 -19.88
N ASN B 304 7.52 -0.22 -19.22
CA ASN B 304 6.90 -1.38 -19.86
C ASN B 304 7.88 -2.34 -20.54
N TYR B 305 8.77 -2.94 -19.75
CA TYR B 305 9.63 -4.01 -20.25
C TYR B 305 10.06 -4.99 -19.16
N ILE B 306 10.78 -6.03 -19.57
CA ILE B 306 11.09 -7.17 -18.71
C ILE B 306 12.60 -7.36 -18.52
N HIS B 307 12.99 -8.09 -17.48
CA HIS B 307 14.40 -8.33 -17.17
C HIS B 307 14.76 -9.81 -17.23
N ARG B 308 13.74 -10.65 -17.45
CA ARG B 308 13.89 -12.10 -17.55
C ARG B 308 14.45 -12.76 -16.28
N ASP B 309 15.75 -12.62 -16.04
CA ASP B 309 16.36 -13.27 -14.89
C ASP B 309 16.81 -12.30 -13.81
N LEU B 310 16.08 -12.29 -12.70
CA LEU B 310 16.38 -11.40 -11.59
C LEU B 310 16.92 -12.20 -10.40
N ARG B 311 18.11 -11.83 -9.95
CA ARG B 311 18.72 -12.49 -8.79
C ARG B 311 19.81 -11.63 -8.18
N ALA B 312 20.18 -11.96 -6.93
CA ALA B 312 21.16 -11.16 -6.18
C ALA B 312 22.52 -11.08 -6.88
N ALA B 313 22.77 -12.00 -7.80
CA ALA B 313 23.99 -11.98 -8.59
C ALA B 313 23.99 -10.80 -9.56
N ASN B 314 22.80 -10.49 -10.10
CA ASN B 314 22.67 -9.40 -11.07
C ASN B 314 22.39 -8.06 -10.42
N ILE B 315 22.58 -8.00 -9.11
CA ILE B 315 22.39 -6.76 -8.36
C ILE B 315 23.75 -6.30 -7.83
N LEU B 316 24.14 -5.08 -8.20
CA LEU B 316 25.43 -4.55 -7.79
C LEU B 316 25.32 -3.59 -6.63
N VAL B 317 26.38 -3.49 -5.84
CA VAL B 317 26.39 -2.64 -4.65
C VAL B 317 27.53 -1.63 -4.71
N SER B 318 27.19 -0.34 -4.64
CA SER B 318 28.21 0.70 -4.64
C SER B 318 28.95 0.72 -3.30
N ALA B 319 29.93 1.61 -3.18
CA ALA B 319 30.69 1.72 -1.93
C ALA B 319 29.81 2.33 -0.84
N SER B 320 28.80 3.09 -1.24
CA SER B 320 27.89 3.72 -0.31
C SER B 320 26.66 2.86 -0.06
N LEU B 321 26.80 1.57 -0.35
CA LEU B 321 25.74 0.58 -0.15
C LEU B 321 24.43 0.89 -0.88
N VAL B 322 24.56 1.40 -2.10
CA VAL B 322 23.41 1.63 -2.97
C VAL B 322 23.27 0.44 -3.91
N CYS B 323 22.06 -0.07 -4.04
CA CYS B 323 21.82 -1.22 -4.92
C CYS B 323 21.34 -0.79 -6.30
N LYS B 324 21.89 -1.43 -7.33
CA LYS B 324 21.50 -1.15 -8.70
C LYS B 324 21.36 -2.44 -9.49
N ILE B 325 20.76 -2.36 -10.67
CA ILE B 325 20.55 -3.54 -11.51
C ILE B 325 21.55 -3.57 -12.68
N ALA B 326 22.23 -4.69 -12.82
CA ALA B 326 23.28 -4.84 -13.82
C ALA B 326 22.82 -5.65 -15.03
N ASP B 327 23.61 -5.59 -16.10
CA ASP B 327 23.29 -6.17 -17.42
C ASP B 327 21.79 -6.27 -17.72
N PHE B 328 21.13 -5.12 -17.63
CA PHE B 328 19.68 -4.99 -17.80
C PHE B 328 19.11 -5.68 -19.04
N GLY B 329 18.35 -6.75 -18.81
CA GLY B 329 17.61 -7.45 -19.85
C GLY B 329 18.37 -7.76 -21.12
N LEU B 330 19.63 -8.14 -20.99
CA LEU B 330 20.47 -8.46 -22.14
C LEU B 330 19.98 -9.76 -22.80
N ALA B 331 19.18 -10.53 -22.07
CA ALA B 331 18.67 -11.80 -22.57
C ALA B 331 17.54 -11.61 -23.58
N ARG B 332 17.84 -11.85 -24.86
CA ARG B 332 16.85 -11.76 -25.92
C ARG B 332 17.36 -12.46 -27.18
N PRO B 348 19.96 -21.81 -11.73
CA PRO B 348 19.95 -21.30 -13.10
C PRO B 348 18.53 -21.01 -13.58
N ILE B 349 17.56 -21.73 -13.03
CA ILE B 349 16.15 -21.52 -13.35
C ILE B 349 15.27 -21.56 -12.12
N LYS B 350 15.90 -21.64 -10.95
CA LYS B 350 15.17 -21.62 -9.68
C LYS B 350 14.54 -20.26 -9.43
N TRP B 351 15.05 -19.24 -10.12
CA TRP B 351 14.53 -17.88 -9.99
C TRP B 351 13.40 -17.63 -10.98
N THR B 352 13.21 -18.56 -11.91
CA THR B 352 12.21 -18.40 -12.94
C THR B 352 10.86 -18.99 -12.52
N ALA B 353 9.78 -18.26 -12.81
CA ALA B 353 8.43 -18.71 -12.50
C ALA B 353 7.98 -19.76 -13.51
N PRO B 354 7.19 -20.75 -13.06
CA PRO B 354 6.71 -21.83 -13.92
C PRO B 354 5.68 -21.39 -14.96
N GLU B 355 5.47 -20.09 -15.10
CA GLU B 355 4.60 -19.56 -16.14
C GLU B 355 5.42 -19.05 -17.34
N ALA B 356 6.73 -19.09 -17.19
CA ALA B 356 7.64 -18.75 -18.27
C ALA B 356 8.66 -19.86 -18.46
N ILE B 357 8.48 -20.94 -17.71
CA ILE B 357 9.33 -22.11 -17.82
C ILE B 357 8.72 -23.14 -18.76
N ASN B 358 7.49 -23.55 -18.46
CA ASN B 358 6.80 -24.55 -19.26
C ASN B 358 6.28 -24.00 -20.58
N PHE B 359 6.23 -22.67 -20.68
CA PHE B 359 5.60 -22.03 -21.83
C PHE B 359 6.42 -20.87 -22.39
N GLY B 360 7.59 -20.63 -21.80
CA GLY B 360 8.52 -19.63 -22.30
C GLY B 360 7.94 -18.24 -22.47
N SER B 361 6.98 -17.89 -21.62
CA SER B 361 6.30 -16.61 -21.72
C SER B 361 6.72 -15.66 -20.60
N PHE B 362 7.78 -14.91 -20.85
CA PHE B 362 8.27 -13.94 -19.86
C PHE B 362 7.40 -12.70 -19.79
N THR B 363 7.05 -12.30 -18.57
CA THR B 363 6.29 -11.08 -18.34
C THR B 363 6.84 -10.35 -17.12
N ILE B 364 6.37 -9.13 -16.89
CA ILE B 364 6.81 -8.35 -15.75
C ILE B 364 6.43 -9.05 -14.43
N LYS B 365 5.43 -9.91 -14.52
CA LYS B 365 4.98 -10.68 -13.35
C LYS B 365 5.94 -11.84 -13.04
N SER B 366 6.69 -12.28 -14.04
CA SER B 366 7.71 -13.29 -13.82
C SER B 366 8.84 -12.66 -13.03
N ASP B 367 9.09 -11.39 -13.29
CA ASP B 367 10.10 -10.64 -12.55
C ASP B 367 9.63 -10.40 -11.11
N VAL B 368 8.32 -10.31 -10.93
CA VAL B 368 7.75 -10.19 -9.60
C VAL B 368 8.04 -11.44 -8.79
N TRP B 369 7.77 -12.60 -9.40
CA TRP B 369 8.11 -13.88 -8.81
C TRP B 369 9.60 -13.94 -8.49
N SER B 370 10.41 -13.55 -9.46
CA SER B 370 11.86 -13.52 -9.30
C SER B 370 12.27 -12.59 -8.17
N PHE B 371 11.54 -11.48 -8.03
CA PHE B 371 11.79 -10.53 -6.95
C PHE B 371 11.48 -11.19 -5.60
N GLY B 372 10.52 -12.09 -5.62
CA GLY B 372 10.16 -12.83 -4.42
C GLY B 372 11.30 -13.71 -3.95
N ILE B 373 11.89 -14.45 -4.88
CA ILE B 373 12.98 -15.35 -4.55
C ILE B 373 14.24 -14.56 -4.21
N LEU B 374 14.38 -13.42 -4.88
CA LEU B 374 15.45 -12.47 -4.57
C LEU B 374 15.32 -11.98 -3.14
N LEU B 375 14.08 -11.70 -2.74
CA LEU B 375 13.78 -11.24 -1.39
C LEU B 375 14.18 -12.31 -0.39
N MET B 376 14.00 -13.57 -0.78
CA MET B 376 14.38 -14.69 0.06
C MET B 376 15.89 -14.80 0.18
N GLU B 377 16.60 -14.59 -0.94
CA GLU B 377 18.05 -14.61 -0.95
C GLU B 377 18.61 -13.57 0.01
N ILE B 378 18.08 -12.35 -0.08
CA ILE B 378 18.56 -11.24 0.74
C ILE B 378 18.39 -11.54 2.23
N VAL B 379 17.23 -12.06 2.60
CA VAL B 379 16.92 -12.39 3.98
C VAL B 379 17.82 -13.50 4.52
N THR B 380 18.08 -14.50 3.69
CA THR B 380 18.90 -15.64 4.07
C THR B 380 20.39 -15.40 3.82
N TYR B 381 20.75 -14.13 3.62
CA TYR B 381 22.14 -13.70 3.44
C TYR B 381 22.87 -14.40 2.29
N GLY B 382 22.18 -14.56 1.16
CA GLY B 382 22.81 -15.09 -0.03
C GLY B 382 22.71 -16.60 -0.20
N ARG B 383 21.95 -17.25 0.68
CA ARG B 383 21.73 -18.69 0.59
C ARG B 383 21.04 -19.03 -0.74
N ILE B 384 21.36 -20.20 -1.29
CA ILE B 384 20.72 -20.64 -2.52
C ILE B 384 19.26 -21.03 -2.26
N PRO B 385 18.37 -20.65 -3.19
CA PRO B 385 16.94 -20.96 -3.10
C PRO B 385 16.70 -22.46 -3.03
N TYR B 386 15.74 -22.87 -2.20
CA TYR B 386 15.44 -24.28 -1.97
C TYR B 386 16.70 -25.06 -1.59
N PRO B 387 17.24 -24.81 -0.39
CA PRO B 387 18.49 -25.44 0.03
C PRO B 387 18.35 -26.95 0.21
N GLY B 388 19.34 -27.70 -0.28
CA GLY B 388 19.30 -29.14 -0.21
C GLY B 388 18.52 -29.75 -1.37
N MET B 389 17.85 -28.89 -2.13
CA MET B 389 17.09 -29.34 -3.29
C MET B 389 17.87 -29.15 -4.58
N SER B 390 17.53 -29.94 -5.60
CA SER B 390 18.09 -29.78 -6.93
C SER B 390 16.98 -29.30 -7.87
N ASN B 391 17.38 -28.86 -9.05
CA ASN B 391 16.44 -28.38 -10.07
C ASN B 391 15.27 -29.32 -10.40
N PRO B 392 15.53 -30.63 -10.62
CA PRO B 392 14.40 -31.51 -10.93
C PRO B 392 13.47 -31.74 -9.74
N GLU B 393 14.02 -31.74 -8.53
CA GLU B 393 13.23 -31.97 -7.33
C GLU B 393 12.19 -30.88 -7.10
N VAL B 394 12.48 -29.68 -7.60
CA VAL B 394 11.66 -28.52 -7.35
C VAL B 394 10.40 -28.43 -8.23
N ILE B 395 10.55 -28.69 -9.52
CA ILE B 395 9.47 -28.49 -10.48
C ILE B 395 8.20 -29.28 -10.15
N ARG B 396 8.33 -30.59 -9.98
CA ARG B 396 7.18 -31.42 -9.63
C ARG B 396 6.74 -31.18 -8.19
N ALA B 397 7.55 -30.43 -7.46
CA ALA B 397 7.21 -30.04 -6.10
C ALA B 397 6.51 -28.68 -6.07
N LEU B 398 6.42 -28.04 -7.23
CA LEU B 398 5.72 -26.76 -7.34
C LEU B 398 4.21 -26.97 -7.35
N GLU B 399 3.74 -27.89 -8.18
CA GLU B 399 2.32 -28.17 -8.31
C GLU B 399 1.76 -28.89 -7.10
N ARG B 400 2.64 -29.24 -6.16
CA ARG B 400 2.21 -29.73 -4.86
C ARG B 400 1.77 -28.56 -4.01
N GLY B 401 2.02 -27.35 -4.51
CA GLY B 401 1.63 -26.13 -3.83
C GLY B 401 2.72 -25.63 -2.90
N TYR B 402 3.87 -26.29 -2.94
CA TYR B 402 4.98 -26.00 -2.04
C TYR B 402 5.59 -24.62 -2.25
N ARG B 403 5.90 -23.94 -1.16
CA ARG B 403 6.64 -22.70 -1.18
C ARG B 403 7.72 -22.75 -0.12
N MET B 404 8.78 -21.97 -0.31
CA MET B 404 9.88 -21.94 0.65
C MET B 404 9.42 -21.48 2.03
N PRO B 405 9.76 -22.24 3.08
CA PRO B 405 9.42 -21.91 4.47
C PRO B 405 9.97 -20.56 4.91
N ARG B 406 9.42 -20.01 5.97
CA ARG B 406 9.88 -18.73 6.48
C ARG B 406 11.10 -18.89 7.38
N PRO B 407 12.18 -18.17 7.06
CA PRO B 407 13.40 -18.16 7.88
C PRO B 407 13.12 -17.66 9.29
N GLU B 408 14.06 -17.88 10.21
CA GLU B 408 13.87 -17.51 11.60
C GLU B 408 13.91 -15.99 11.80
N ASN B 409 14.89 -15.34 11.19
CA ASN B 409 15.08 -13.91 11.33
C ASN B 409 14.22 -13.09 10.37
N CYS B 410 13.24 -13.72 9.75
CA CYS B 410 12.35 -13.05 8.81
C CYS B 410 10.98 -12.77 9.42
N PRO B 411 10.50 -11.52 9.28
CA PRO B 411 9.16 -11.14 9.76
C PRO B 411 8.06 -11.77 8.93
N GLU B 412 6.91 -12.05 9.55
CA GLU B 412 5.80 -12.67 8.86
C GLU B 412 5.22 -11.72 7.83
N GLU B 413 5.21 -10.43 8.16
CA GLU B 413 4.68 -9.40 7.27
C GLU B 413 5.54 -9.26 6.01
N LEU B 414 6.82 -9.60 6.14
CA LEU B 414 7.73 -9.61 5.00
C LEU B 414 7.50 -10.86 4.15
N TYR B 415 7.28 -11.97 4.84
CA TYR B 415 7.03 -13.26 4.18
C TYR B 415 5.78 -13.21 3.31
N ASN B 416 4.75 -12.50 3.78
CA ASN B 416 3.49 -12.37 3.05
C ASN B 416 3.72 -11.77 1.66
N ILE B 417 4.70 -10.89 1.57
CA ILE B 417 5.04 -10.26 0.30
C ILE B 417 5.64 -11.27 -0.67
N MET B 418 6.50 -12.14 -0.15
CA MET B 418 7.10 -13.19 -0.97
C MET B 418 6.00 -14.11 -1.49
N MET B 419 5.03 -14.42 -0.63
CA MET B 419 3.89 -15.26 -1.01
C MET B 419 3.02 -14.61 -2.09
N ARG B 420 2.79 -13.31 -1.97
CA ARG B 420 2.02 -12.58 -2.98
C ARG B 420 2.74 -12.55 -4.32
N CYS B 421 4.07 -12.69 -4.27
CA CYS B 421 4.86 -12.77 -5.49
C CYS B 421 4.79 -14.18 -6.05
N TRP B 422 4.66 -15.16 -5.17
CA TRP B 422 4.63 -16.56 -5.56
C TRP B 422 3.20 -17.07 -5.73
N LYS B 423 2.29 -16.17 -6.11
CA LYS B 423 0.94 -16.55 -6.44
C LYS B 423 0.94 -17.39 -7.71
N ASN B 424 0.21 -18.50 -7.70
CA ASN B 424 0.15 -19.38 -8.87
C ASN B 424 -0.36 -18.67 -10.11
N ARG B 425 -1.49 -17.98 -9.98
CA ARG B 425 -1.97 -17.13 -11.06
C ARG B 425 -1.06 -15.92 -11.19
N PRO B 426 -0.51 -15.69 -12.40
CA PRO B 426 0.45 -14.62 -12.66
C PRO B 426 -0.12 -13.20 -12.49
N GLU B 427 -1.40 -13.07 -12.18
CA GLU B 427 -2.02 -11.75 -12.08
C GLU B 427 -2.49 -11.41 -10.66
N GLU B 428 -2.37 -12.37 -9.75
CA GLU B 428 -2.65 -12.11 -8.34
C GLU B 428 -1.44 -11.41 -7.73
N ARG B 429 -0.30 -11.55 -8.41
CA ARG B 429 0.94 -10.93 -7.97
C ARG B 429 0.84 -9.42 -8.12
N PRO B 430 1.36 -8.68 -7.13
CA PRO B 430 1.32 -7.21 -7.13
C PRO B 430 2.27 -6.58 -8.13
N THR B 431 2.38 -5.26 -8.10
CA THR B 431 3.27 -4.54 -8.99
C THR B 431 4.49 -4.05 -8.21
N PHE B 432 5.57 -3.75 -8.94
CA PHE B 432 6.76 -3.19 -8.31
C PHE B 432 6.49 -1.81 -7.75
N GLU B 433 5.44 -1.16 -8.26
CA GLU B 433 5.00 0.13 -7.75
C GLU B 433 4.45 -0.06 -6.34
N TYR B 434 3.69 -1.13 -6.16
CA TYR B 434 3.12 -1.46 -4.86
C TYR B 434 4.20 -2.01 -3.93
N ILE B 435 5.00 -2.94 -4.44
CA ILE B 435 6.06 -3.56 -3.66
C ILE B 435 7.06 -2.52 -3.15
N GLN B 436 7.38 -1.54 -3.98
CA GLN B 436 8.27 -0.46 -3.57
C GLN B 436 7.64 0.39 -2.46
N SER B 437 6.37 0.76 -2.67
CA SER B 437 5.65 1.60 -1.72
C SER B 437 5.59 0.96 -0.35
N VAL B 438 5.32 -0.34 -0.33
CA VAL B 438 5.21 -1.11 0.91
C VAL B 438 6.56 -1.32 1.58
N LEU B 439 7.56 -1.70 0.80
CA LEU B 439 8.89 -1.96 1.32
C LEU B 439 9.57 -0.69 1.86
N ASP B 440 9.22 0.46 1.30
CA ASP B 440 9.78 1.73 1.75
C ASP B 440 9.32 2.07 3.17
N ASP B 441 8.04 2.34 3.33
CA ASP B 441 7.48 2.70 4.63
C ASP B 441 7.11 1.47 5.43
N PHE B 442 8.01 0.49 5.44
CA PHE B 442 7.75 -0.80 6.05
C PHE B 442 7.67 -0.72 7.58
N TYR B 443 8.45 0.18 8.17
CA TYR B 443 8.48 0.32 9.62
C TYR B 443 7.73 1.57 10.07
N THR B 444 7.01 2.19 9.16
CA THR B 444 6.34 3.46 9.44
C THR B 444 4.87 3.43 9.08
N ALA B 445 4.02 3.74 10.07
CA ALA B 445 2.58 3.84 9.84
C ALA B 445 2.31 5.00 8.89
N THR B 446 1.30 4.84 8.05
CA THR B 446 0.97 5.86 7.05
C THR B 446 0.80 7.23 7.69
N GLU B 447 0.15 7.26 8.85
CA GLU B 447 -0.10 8.51 9.57
C GLU B 447 1.19 9.13 10.09
N SER B 448 2.23 8.32 10.27
CA SER B 448 3.45 8.79 10.92
C SER B 448 4.51 9.32 9.95
N GLN B 449 4.20 9.32 8.66
CA GLN B 449 5.13 9.78 7.63
C GLN B 449 5.60 11.21 7.91
N PTR B 450 4.68 12.16 7.82
CA PTR B 450 4.96 13.51 8.28
C PTR B 450 4.41 13.62 9.70
O PTR B 450 3.46 12.93 10.04
CB PTR B 450 4.39 14.54 7.31
CG PTR B 450 5.22 14.70 6.06
CD1 PTR B 450 6.26 15.62 6.01
CD2 PTR B 450 5.00 13.91 4.94
CE1 PTR B 450 7.04 15.77 4.87
CE2 PTR B 450 5.77 14.05 3.80
CZ PTR B 450 6.78 14.98 3.77
OH PTR B 450 7.54 15.13 2.71
P PTR B 450 6.99 15.07 1.20
O1P PTR B 450 6.47 13.70 0.91
O2P PTR B 450 8.17 15.36 0.23
O3P PTR B 450 5.89 16.12 0.97
N GLU B 451 5.02 14.45 10.52
CA GLU B 451 4.57 14.58 11.90
C GLU B 451 3.75 15.84 12.14
N GLU B 452 2.63 15.67 12.84
CA GLU B 452 1.74 16.77 13.15
C GLU B 452 2.38 17.74 14.14
N ILE B 453 2.26 19.04 13.84
CA ILE B 453 2.74 20.08 14.73
C ILE B 453 1.63 21.11 14.99
N PRO B 454 1.16 21.19 16.24
CA PRO B 454 0.02 22.02 16.65
C PRO B 454 0.17 23.49 16.29
CAI KS1 C . -33.01 8.30 3.22
CAG KS1 C . -32.19 9.50 3.72
CAH KS1 C . -31.88 9.26 5.20
CAJ KS1 C . -32.35 7.86 5.54
CAW KS1 C . -33.27 7.39 4.42
NAX KS1 C . -33.00 5.97 4.07
NAN KS1 C . -32.88 5.70 2.70
C4 KS1 C . -32.89 4.85 4.77
N3 KS1 C . -32.94 4.62 6.10
C2 KS1 C . -32.77 3.37 6.54
N1 KS1 C . -32.55 2.34 5.72
C6 KS1 C . -32.49 2.54 4.38
NAA KS1 C . -32.28 1.48 3.57
C5 KS1 C . -32.67 3.82 3.88
CAR KS1 C . -32.65 4.37 2.58
CAP KS1 C . -32.45 3.69 1.27
CAF KS1 C . -33.27 2.61 0.91
CAS KS1 C . -33.03 2.02 -0.33
CAD KS1 C . -33.69 0.93 -0.96
CAB KS1 C . -33.00 0.83 -2.18
NAO KS1 C . -32.03 1.77 -2.25
CAT KS1 C . -32.04 2.51 -1.12
NAM KS1 C . -31.25 3.55 -0.78
CAE KS1 C . -31.46 4.14 0.40
CA CA D . 6.49 -8.14 13.84
CL CL E . -34.20 -38.30 15.06
CAI KS1 F . 30.91 -9.51 -11.46
CAG KS1 F . 30.39 -10.49 -10.43
CAH KS1 F . 30.60 -9.85 -9.06
CAJ KS1 F . 31.03 -8.42 -9.28
CAW KS1 F . 31.48 -8.30 -10.74
NAX KS1 F . 30.99 -7.04 -11.36
NAN KS1 F . 30.21 -7.19 -12.50
C4 KS1 F . 31.17 -5.75 -11.07
N3 KS1 F . 31.83 -5.12 -10.08
C2 KS1 F . 31.82 -3.78 -10.05
N1 KS1 F . 31.15 -3.05 -10.96
C6 KS1 F . 30.48 -3.64 -11.96
NAA KS1 F . 29.82 -2.88 -12.87
C5 KS1 F . 30.48 -5.03 -12.04
CAR KS1 F . 29.87 -5.95 -12.91
CAP KS1 F . 29.03 -5.71 -14.12
CAF KS1 F . 29.49 -4.90 -15.14
CAS KS1 F . 28.65 -4.72 -16.24
CAD KS1 F . 28.85 -3.95 -17.43
CAB KS1 F . 27.66 -4.18 -18.12
NAO KS1 F . 26.83 -5.00 -17.42
CAT KS1 F . 27.43 -5.33 -16.26
NAM KS1 F . 26.98 -6.12 -15.26
CAE KS1 F . 27.77 -6.31 -14.20
CA CA G . 0.74 13.14 11.38
CL CL H . 33.42 38.57 -16.87
#